data_8AHD
#
_entry.id   8AHD
#
_cell.length_a   50.088
_cell.length_b   69.863
_cell.length_c   117.536
_cell.angle_alpha   90.000
_cell.angle_beta   98.110
_cell.angle_gamma   90.000
#
_symmetry.space_group_name_H-M   'P 1 21 1'
#
loop_
_entity.id
_entity.type
_entity.pdbx_description
1 polymer 'Corramycin phosphotransferase'
2 non-polymer GLYCEROL
3 water water
#
_entity_poly.entity_id   1
_entity_poly.type   'polypeptide(L)'
_entity_poly.pdbx_seq_one_letter_code
;GG(MSE)GNNSRASNPVPLEDQIGALLGEHPRQIVPLHAGRRAQVLRCHFQDGHSVIVKSFTEVAETTRGEWDALRFLAA
HVPAIAPRPLARSKDRRLVA(MSE)EDLRGETLARLLERESEAGARRPLVRIADALGHLHGAQAPRVDGLPRALRDEYRK
QADECVALRGKVRALLGRAGVEPTPGFDGAWLELVER(MSE)GSPGPFLTFTHGDLAPSNVLLTDDGPRLLDFEYTGARS
ALYDV(MSE)FWEAVVPFPRSLARP(MSE)TQAYRRALASHLPAARDDARFRRELLTLKTHRFFWWLTFRLDEALAGGDA
HWVPGWRLRPAYLFYLQNYVSTARRLGARGPLLKTAQALSSRLRRGWKERAGYPDHFLGKLKPPGP
;
_entity_poly.pdbx_strand_id   A,B
#
# COMPACT_ATOMS: atom_id res chain seq x y z
N PRO A 14 -5.04 -24.58 -27.27
CA PRO A 14 -3.82 -24.69 -26.45
C PRO A 14 -2.81 -23.65 -26.89
N LEU A 15 -2.26 -22.92 -25.92
CA LEU A 15 -1.44 -21.76 -26.26
C LEU A 15 -0.16 -22.16 -26.99
N GLU A 16 0.42 -23.31 -26.62
CA GLU A 16 1.62 -23.78 -27.32
C GLU A 16 1.35 -23.98 -28.81
N ASP A 17 0.17 -24.50 -29.16
CA ASP A 17 -0.15 -24.72 -30.56
C ASP A 17 -0.40 -23.40 -31.29
N GLN A 18 -1.12 -22.47 -30.65
CA GLN A 18 -1.36 -21.17 -31.27
C GLN A 18 -0.05 -20.45 -31.56
N ILE A 19 0.83 -20.41 -30.57
CA ILE A 19 2.13 -19.75 -30.75
C ILE A 19 2.94 -20.47 -31.81
N GLY A 20 2.92 -21.82 -31.78
CA GLY A 20 3.53 -22.59 -32.85
C GLY A 20 3.04 -22.19 -34.22
N ALA A 21 1.71 -22.09 -34.38
CA ALA A 21 1.18 -21.68 -35.68
C ALA A 21 1.67 -20.28 -36.03
N LEU A 22 1.73 -19.40 -35.02
CA LEU A 22 2.04 -18.00 -35.27
C LEU A 22 3.47 -17.83 -35.77
N LEU A 23 4.40 -18.58 -35.17
CA LEU A 23 5.82 -18.42 -35.45
C LEU A 23 6.34 -19.43 -36.47
N GLY A 24 5.60 -20.50 -36.76
CA GLY A 24 6.09 -21.49 -37.67
C GLY A 24 7.11 -22.43 -37.07
N GLU A 25 7.34 -22.33 -35.77
CA GLU A 25 8.12 -23.26 -34.98
C GLU A 25 7.43 -23.35 -33.63
N HIS A 26 7.54 -24.49 -33.01
CA HIS A 26 6.86 -24.88 -31.79
C HIS A 26 7.74 -24.62 -30.57
N PRO A 27 7.25 -23.89 -29.56
CA PRO A 27 8.08 -23.67 -28.38
C PRO A 27 8.24 -24.94 -27.55
N ARG A 28 9.45 -25.16 -27.06
CA ARG A 28 9.65 -26.29 -26.15
C ARG A 28 9.11 -26.01 -24.77
N GLN A 29 8.95 -24.76 -24.38
CA GLN A 29 8.50 -24.46 -23.03
C GLN A 29 7.98 -23.04 -22.99
N ILE A 30 6.86 -22.85 -22.29
CA ILE A 30 6.21 -21.56 -22.15
C ILE A 30 6.15 -21.20 -20.67
N VAL A 31 6.70 -20.05 -20.32
CA VAL A 31 6.89 -19.64 -18.94
C VAL A 31 6.14 -18.34 -18.70
N PRO A 32 5.12 -18.32 -17.85
CA PRO A 32 4.41 -17.05 -17.63
C PRO A 32 5.21 -16.09 -16.77
N LEU A 33 5.25 -14.85 -17.20
CA LEU A 33 5.82 -13.78 -16.43
C LEU A 33 4.66 -13.04 -15.79
N ALA A 39 -4.06 -10.31 -21.17
CA ALA A 39 -2.84 -9.55 -20.97
C ALA A 39 -1.82 -10.36 -20.17
N GLN A 40 -1.50 -11.57 -20.64
CA GLN A 40 -0.49 -12.40 -20.00
C GLN A 40 0.80 -12.31 -20.80
N VAL A 41 1.92 -12.06 -20.12
CA VAL A 41 3.22 -11.96 -20.78
C VAL A 41 3.89 -13.32 -20.61
N LEU A 42 4.40 -13.87 -21.71
CA LEU A 42 4.92 -15.24 -21.75
C LEU A 42 6.33 -15.23 -22.32
N ARG A 43 7.24 -15.93 -21.65
CA ARG A 43 8.54 -16.23 -22.23
C ARG A 43 8.46 -17.63 -22.83
N CYS A 44 8.66 -17.71 -24.15
CA CYS A 44 8.59 -18.95 -24.92
C CYS A 44 10.00 -19.32 -25.33
N HIS A 45 10.42 -20.50 -24.88
CA HIS A 45 11.73 -21.05 -25.17
C HIS A 45 11.67 -21.98 -26.38
N PHE A 46 12.69 -21.88 -27.24
CA PHE A 46 12.84 -22.78 -28.37
C PHE A 46 14.15 -23.55 -28.21
N GLN A 47 14.93 -23.75 -29.27
CA GLN A 47 16.16 -24.54 -29.16
C GLN A 47 17.37 -23.60 -29.12
N ASP A 48 18.49 -24.14 -28.64
CA ASP A 48 19.77 -23.44 -28.67
C ASP A 48 19.67 -22.07 -27.98
N GLY A 49 18.85 -22.00 -26.96
CA GLY A 49 18.81 -20.81 -26.15
C GLY A 49 17.98 -19.70 -26.76
N HIS A 50 17.31 -19.95 -27.88
CA HIS A 50 16.48 -18.91 -28.48
C HIS A 50 15.19 -18.76 -27.70
N SER A 51 14.74 -17.53 -27.53
CA SER A 51 13.50 -17.29 -26.84
C SER A 51 12.79 -16.10 -27.45
N VAL A 52 11.49 -16.02 -27.19
CA VAL A 52 10.59 -14.98 -27.68
C VAL A 52 9.67 -14.58 -26.54
N ILE A 53 9.25 -13.33 -26.53
CA ILE A 53 8.19 -12.88 -25.62
C ILE A 53 6.86 -12.92 -26.38
N VAL A 54 5.84 -13.51 -25.74
CA VAL A 54 4.50 -13.54 -26.30
C VAL A 54 3.57 -12.91 -25.29
N LYS A 55 2.75 -11.96 -25.74
CA LYS A 55 1.68 -11.39 -24.95
C LYS A 55 0.35 -11.87 -25.53
N SER A 56 -0.49 -12.43 -24.67
CA SER A 56 -1.79 -13.00 -25.03
C SER A 56 -2.86 -12.18 -24.34
N PHE A 57 -3.78 -11.62 -25.13
CA PHE A 57 -4.75 -10.66 -24.61
C PHE A 57 -6.12 -11.26 -24.47
N GLY A 66 -1.73 -0.50 -28.48
CA GLY A 66 -0.77 0.28 -29.24
C GLY A 66 0.63 -0.28 -29.32
N GLU A 67 0.95 -1.32 -28.55
CA GLU A 67 2.35 -1.74 -28.49
C GLU A 67 2.83 -2.20 -29.86
N TRP A 68 2.02 -2.99 -30.56
CA TRP A 68 2.45 -3.48 -31.87
C TRP A 68 2.80 -2.34 -32.80
N ASP A 69 1.89 -1.37 -32.96
CA ASP A 69 2.18 -0.28 -33.89
C ASP A 69 3.37 0.55 -33.41
N ALA A 70 3.57 0.64 -32.11
CA ALA A 70 4.74 1.34 -31.60
C ALA A 70 6.01 0.62 -32.01
N LEU A 71 6.02 -0.70 -31.82
CA LEU A 71 7.22 -1.47 -32.14
C LEU A 71 7.49 -1.44 -33.63
N ARG A 72 6.44 -1.49 -34.46
CA ARG A 72 6.65 -1.38 -35.90
C ARG A 72 7.23 -0.02 -36.28
N PHE A 73 6.70 1.03 -35.65
CA PHE A 73 7.15 2.39 -35.92
C PHE A 73 8.63 2.53 -35.62
N LEU A 74 9.12 1.83 -34.57
CA LEU A 74 10.50 1.94 -34.16
C LEU A 74 11.45 0.89 -34.77
N ALA A 75 10.97 -0.02 -35.62
CA ALA A 75 11.82 -1.09 -36.12
C ALA A 75 13.04 -0.59 -36.88
N ALA A 76 13.02 0.63 -37.39
CA ALA A 76 14.18 1.14 -38.10
C ALA A 76 14.91 2.24 -37.34
N HIS A 77 14.44 2.62 -36.15
CA HIS A 77 15.15 3.61 -35.35
C HIS A 77 16.50 3.05 -34.91
N VAL A 78 17.57 3.78 -35.18
CA VAL A 78 18.92 3.37 -34.78
C VAL A 78 19.52 4.44 -33.87
N PRO A 79 20.39 4.07 -32.92
CA PRO A 79 20.74 2.69 -32.49
C PRO A 79 19.50 2.00 -31.90
N ALA A 80 19.36 0.67 -32.05
CA ALA A 80 18.13 0.00 -31.68
C ALA A 80 17.82 0.21 -30.20
N ILE A 81 16.54 0.43 -29.89
CA ILE A 81 16.15 0.76 -28.52
C ILE A 81 14.96 -0.04 -28.03
N ALA A 82 14.29 -0.75 -28.93
CA ALA A 82 13.04 -1.42 -28.62
C ALA A 82 13.06 -2.84 -29.23
N PRO A 83 12.24 -3.74 -28.65
CA PRO A 83 12.15 -5.09 -29.26
C PRO A 83 11.63 -5.04 -30.68
N ARG A 84 12.14 -5.93 -31.52
CA ARG A 84 11.54 -6.07 -32.84
C ARG A 84 10.20 -6.78 -32.71
N PRO A 85 9.17 -6.33 -33.43
CA PRO A 85 7.92 -7.07 -33.48
C PRO A 85 8.13 -8.22 -34.45
N LEU A 86 7.69 -9.42 -34.05
CA LEU A 86 7.95 -10.63 -34.80
C LEU A 86 6.72 -11.16 -35.51
N ALA A 87 5.59 -11.20 -34.81
CA ALA A 87 4.37 -11.73 -35.42
C ALA A 87 3.18 -11.39 -34.54
N ARG A 88 2.03 -11.25 -35.19
CA ARG A 88 0.75 -10.98 -34.54
C ARG A 88 -0.34 -11.79 -35.21
N SER A 89 -1.15 -12.48 -34.42
CA SER A 89 -2.22 -13.29 -34.99
C SER A 89 -3.22 -12.41 -35.74
N LYS A 90 -4.12 -13.07 -36.47
CA LYS A 90 -5.12 -12.36 -37.25
C LYS A 90 -6.11 -11.63 -36.36
N ASP A 91 -6.50 -12.25 -35.25
CA ASP A 91 -7.42 -11.61 -34.32
C ASP A 91 -6.69 -10.69 -33.34
N ARG A 92 -5.38 -10.59 -33.46
CA ARG A 92 -4.56 -9.64 -32.70
C ARG A 92 -4.54 -9.91 -31.20
N ARG A 93 -4.92 -11.10 -30.76
CA ARG A 93 -4.85 -11.45 -29.36
C ARG A 93 -3.54 -12.11 -28.96
N LEU A 94 -2.67 -12.43 -29.92
CA LEU A 94 -1.33 -12.96 -29.66
C LEU A 94 -0.31 -12.07 -30.35
N VAL A 95 0.65 -11.56 -29.58
CA VAL A 95 1.72 -10.71 -30.08
C VAL A 95 3.06 -11.33 -29.70
N ALA A 96 3.92 -11.57 -30.69
CA ALA A 96 5.26 -12.08 -30.46
C ALA A 96 6.29 -11.00 -30.75
N GLU A 98 10.68 -9.68 -29.99
CA GLU A 98 12.05 -9.98 -29.59
C GLU A 98 12.24 -9.95 -28.07
N ASP A 99 12.94 -10.96 -27.56
CA ASP A 99 13.12 -11.15 -26.12
C ASP A 99 14.46 -10.52 -25.71
N LEU A 100 14.46 -9.21 -25.54
CA LEU A 100 15.69 -8.53 -25.15
C LEU A 100 15.99 -8.86 -23.70
N ARG A 101 17.24 -9.20 -23.42
CA ARG A 101 17.66 -9.64 -22.09
C ARG A 101 18.75 -8.71 -21.62
N GLY A 102 18.89 -8.61 -20.30
CA GLY A 102 19.93 -7.77 -19.72
C GLY A 102 19.70 -7.58 -18.23
N GLU A 103 20.20 -6.46 -17.72
CA GLU A 103 19.98 -6.10 -16.33
C GLU A 103 18.95 -4.99 -16.28
N THR A 104 17.90 -5.18 -15.51
CA THR A 104 16.93 -4.13 -15.36
C THR A 104 17.57 -2.97 -14.60
N LEU A 105 17.15 -1.76 -14.93
CA LEU A 105 17.53 -0.63 -14.09
C LEU A 105 17.17 -0.87 -12.62
N ALA A 106 16.04 -1.52 -12.36
CA ALA A 106 15.65 -1.76 -10.97
C ALA A 106 16.71 -2.55 -10.22
N ARG A 107 17.18 -3.64 -10.84
CA ARG A 107 18.22 -4.44 -10.20
C ARG A 107 19.48 -3.61 -10.02
N LEU A 108 19.79 -2.76 -11.00
CA LEU A 108 21.00 -1.95 -10.94
C LEU A 108 20.96 -0.97 -9.77
N LEU A 109 19.85 -0.28 -9.62
CA LEU A 109 19.74 0.72 -8.56
C LEU A 109 19.69 0.07 -7.19
N GLU A 110 19.26 -1.18 -7.11
CA GLU A 110 19.24 -1.85 -5.82
C GLU A 110 20.64 -2.21 -5.34
N ARG A 111 21.54 -2.55 -6.26
CA ARG A 111 22.89 -2.99 -5.87
C ARG A 111 23.95 -1.90 -6.01
N GLU A 112 23.72 -0.83 -6.75
CA GLU A 112 24.81 0.06 -7.09
C GLU A 112 24.86 1.23 -6.11
N SER A 113 25.94 1.98 -6.21
CA SER A 113 26.07 3.24 -5.53
C SER A 113 25.80 4.39 -6.49
N GLU A 114 25.63 5.57 -5.91
CA GLU A 114 25.43 6.75 -6.74
C GLU A 114 26.57 6.91 -7.74
N ALA A 115 27.81 6.78 -7.25
CA ALA A 115 28.97 6.93 -8.12
C ALA A 115 28.92 5.94 -9.27
N GLY A 116 28.54 4.71 -8.97
CA GLY A 116 28.61 3.62 -9.91
C GLY A 116 27.44 3.53 -10.85
N ALA A 117 26.29 4.08 -10.46
CA ALA A 117 25.11 4.14 -11.32
C ALA A 117 25.19 5.26 -12.34
N ARG A 118 26.05 6.26 -12.13
CA ARG A 118 25.94 7.48 -12.94
C ARG A 118 26.17 7.19 -14.43
N ARG A 119 27.14 6.35 -14.75
CA ARG A 119 27.44 6.13 -16.16
C ARG A 119 26.29 5.45 -16.87
N PRO A 120 25.74 4.34 -16.37
CA PRO A 120 24.59 3.75 -17.07
C PRO A 120 23.40 4.69 -17.13
N LEU A 121 23.12 5.44 -16.05
CA LEU A 121 22.00 6.39 -16.05
C LEU A 121 22.16 7.45 -17.12
N VAL A 122 23.35 8.05 -17.23
CA VAL A 122 23.61 9.02 -18.29
C VAL A 122 23.43 8.39 -19.68
N ARG A 123 23.87 7.14 -19.83
CA ARG A 123 23.72 6.41 -21.08
C ARG A 123 22.24 6.24 -21.45
N ILE A 124 21.40 5.94 -20.45
CA ILE A 124 19.96 5.82 -20.68
C ILE A 124 19.36 7.14 -21.12
N ALA A 125 19.76 8.23 -20.45
CA ALA A 125 19.20 9.54 -20.75
C ALA A 125 19.56 9.99 -22.17
N ASP A 126 20.80 9.71 -22.60
CA ASP A 126 21.22 10.05 -23.95
C ASP A 126 20.44 9.26 -24.98
N ALA A 127 20.27 7.95 -24.76
CA ALA A 127 19.49 7.14 -25.71
C ALA A 127 18.07 7.70 -25.89
N LEU A 128 17.41 8.00 -24.79
CA LEU A 128 16.06 8.56 -24.84
C LEU A 128 16.03 9.91 -25.59
N GLY A 129 17.06 10.74 -25.39
CA GLY A 129 17.11 12.01 -26.11
C GLY A 129 17.22 11.82 -27.62
N HIS A 130 17.96 10.79 -28.04
CA HIS A 130 18.05 10.49 -29.46
C HIS A 130 16.77 9.86 -29.98
N LEU A 131 16.10 9.04 -29.16
CA LEU A 131 14.79 8.56 -29.54
C LEU A 131 13.82 9.73 -29.81
N HIS A 132 13.64 10.60 -28.82
CA HIS A 132 12.70 11.71 -28.97
C HIS A 132 13.09 12.64 -30.12
N GLY A 133 14.37 12.97 -30.23
CA GLY A 133 14.79 13.86 -31.30
C GLY A 133 14.62 13.25 -32.68
N ALA A 134 15.11 12.04 -32.87
CA ALA A 134 15.03 11.41 -34.19
C ALA A 134 13.61 11.21 -34.64
N GLN A 135 12.69 10.94 -33.71
CA GLN A 135 11.31 10.58 -34.07
C GLN A 135 10.36 11.79 -34.19
N ALA A 136 10.74 12.97 -33.70
CA ALA A 136 9.80 14.09 -33.68
C ALA A 136 9.23 14.40 -35.06
N PRO A 137 10.02 14.37 -36.14
CA PRO A 137 9.47 14.64 -37.48
C PRO A 137 8.63 13.52 -38.08
N ARG A 138 8.55 12.34 -37.43
CA ARG A 138 7.93 11.17 -38.02
C ARG A 138 6.59 10.83 -37.38
N VAL A 139 6.11 11.62 -36.41
CA VAL A 139 4.90 11.25 -35.68
C VAL A 139 3.62 11.23 -36.53
N ASP A 140 3.59 11.90 -37.71
CA ASP A 140 2.43 11.73 -38.58
C ASP A 140 2.19 10.26 -38.86
N GLY A 141 3.24 9.43 -38.77
CA GLY A 141 3.14 8.03 -39.13
C GLY A 141 2.58 7.11 -38.07
N LEU A 142 2.30 7.64 -36.88
CA LEU A 142 1.68 6.85 -35.82
C LEU A 142 0.17 6.72 -36.07
N PRO A 143 -0.45 5.70 -35.52
CA PRO A 143 -1.90 5.59 -35.62
C PRO A 143 -2.60 6.78 -34.97
N ARG A 144 -3.82 7.04 -35.41
CA ARG A 144 -4.52 8.25 -35.02
C ARG A 144 -4.64 8.38 -33.52
N ALA A 145 -4.97 7.27 -32.82
CA ALA A 145 -5.17 7.32 -31.39
C ALA A 145 -3.88 7.72 -30.68
N LEU A 146 -2.74 7.16 -31.11
CA LEU A 146 -1.47 7.54 -30.52
C LEU A 146 -1.14 9.00 -30.86
N ARG A 147 -1.44 9.42 -32.09
CA ARG A 147 -1.16 10.80 -32.50
C ARG A 147 -1.89 11.81 -31.62
N ASP A 148 -3.07 11.48 -31.12
CA ASP A 148 -3.94 12.39 -30.40
C ASP A 148 -3.70 12.37 -28.89
N GLU A 149 -2.77 11.55 -28.42
CA GLU A 149 -2.65 11.30 -26.98
C GLU A 149 -2.50 12.60 -26.18
N TYR A 150 -1.60 13.48 -26.62
CA TYR A 150 -1.40 14.74 -25.91
C TYR A 150 -2.68 15.56 -25.83
N ARG A 151 -3.54 15.47 -26.84
CA ARG A 151 -4.79 16.22 -26.83
C ARG A 151 -5.76 15.63 -25.81
N LYS A 152 -5.78 14.31 -25.71
CA LYS A 152 -6.61 13.66 -24.71
C LYS A 152 -6.18 14.06 -23.31
N GLN A 153 -4.85 14.05 -23.06
CA GLN A 153 -4.34 14.31 -21.72
C GLN A 153 -4.54 15.78 -21.36
N ALA A 154 -4.40 16.67 -22.34
CA ALA A 154 -4.69 18.08 -22.12
C ALA A 154 -6.15 18.28 -21.73
N ASP A 155 -7.05 17.54 -22.37
CA ASP A 155 -8.47 17.60 -22.05
C ASP A 155 -8.74 17.09 -20.64
N GLU A 156 -8.07 15.99 -20.27
CA GLU A 156 -8.17 15.46 -18.91
C GLU A 156 -7.65 16.44 -17.86
N CYS A 157 -6.67 17.26 -18.23
CA CYS A 157 -6.08 18.20 -17.27
C CYS A 157 -7.09 19.27 -16.88
N VAL A 158 -8.14 19.46 -17.69
CA VAL A 158 -9.17 20.42 -17.33
C VAL A 158 -9.93 19.93 -16.09
N ALA A 159 -10.35 18.67 -16.10
CA ALA A 159 -11.07 18.09 -14.96
C ALA A 159 -10.16 17.76 -13.78
N LEU A 160 -8.85 17.65 -14.01
CA LEU A 160 -7.90 17.43 -12.93
C LEU A 160 -7.90 18.58 -11.94
N ARG A 161 -8.17 19.80 -12.40
CA ARG A 161 -8.20 20.93 -11.47
C ARG A 161 -9.19 20.67 -10.36
N GLY A 162 -10.39 20.22 -10.72
CA GLY A 162 -11.40 19.97 -9.70
C GLY A 162 -10.97 18.91 -8.73
N LYS A 163 -10.35 17.83 -9.23
CA LYS A 163 -9.86 16.79 -8.34
C LYS A 163 -8.84 17.34 -7.36
N VAL A 164 -7.93 18.18 -7.86
CA VAL A 164 -6.90 18.78 -7.02
C VAL A 164 -7.54 19.69 -5.99
N ARG A 165 -8.42 20.58 -6.44
CA ARG A 165 -9.12 21.47 -5.50
C ARG A 165 -9.77 20.67 -4.38
N ALA A 166 -10.56 19.66 -4.75
CA ALA A 166 -11.26 18.90 -3.72
C ALA A 166 -10.27 18.21 -2.78
N LEU A 167 -9.16 17.71 -3.32
CA LEU A 167 -8.14 17.08 -2.47
C LEU A 167 -7.55 18.08 -1.49
N LEU A 168 -7.28 19.30 -1.95
CA LEU A 168 -6.77 20.30 -1.04
C LEU A 168 -7.81 20.64 0.02
N GLY A 169 -9.10 20.57 -0.33
CA GLY A 169 -10.13 20.71 0.69
C GLY A 169 -10.03 19.66 1.77
N ARG A 170 -9.82 18.40 1.36
CA ARG A 170 -9.66 17.32 2.33
C ARG A 170 -8.35 17.46 3.11
N ALA A 171 -7.34 18.07 2.52
CA ALA A 171 -6.11 18.39 3.22
C ALA A 171 -6.24 19.66 4.07
N GLY A 172 -7.36 20.37 4.02
CA GLY A 172 -7.47 21.59 4.79
C GLY A 172 -6.52 22.67 4.32
N VAL A 173 -6.22 22.70 3.03
CA VAL A 173 -5.38 23.72 2.44
C VAL A 173 -6.20 24.43 1.37
N GLU A 174 -6.25 25.76 1.45
CA GLU A 174 -6.93 26.59 0.47
C GLU A 174 -6.02 26.81 -0.74
N PRO A 175 -6.48 26.57 -1.96
CA PRO A 175 -5.69 27.00 -3.13
C PRO A 175 -5.42 28.50 -3.07
N THR A 176 -4.20 28.90 -3.40
CA THR A 176 -3.85 30.29 -3.25
C THR A 176 -4.47 31.13 -4.38
N PRO A 177 -4.52 32.45 -4.20
CA PRO A 177 -5.14 33.31 -5.22
C PRO A 177 -4.50 33.17 -6.59
N GLY A 178 -5.36 33.18 -7.62
CA GLY A 178 -4.92 33.03 -8.99
C GLY A 178 -4.79 31.59 -9.44
N PHE A 179 -5.16 30.61 -8.59
CA PHE A 179 -4.96 29.19 -8.89
C PHE A 179 -5.65 28.77 -10.16
N ASP A 180 -6.95 29.08 -10.29
CA ASP A 180 -7.70 28.71 -11.49
C ASP A 180 -7.07 29.32 -12.74
N GLY A 181 -6.76 30.62 -12.69
CA GLY A 181 -6.12 31.25 -13.82
C GLY A 181 -4.77 30.63 -14.16
N ALA A 182 -3.97 30.28 -13.15
CA ALA A 182 -2.73 29.57 -13.45
C ALA A 182 -3.00 28.18 -13.99
N TRP A 183 -4.06 27.52 -13.53
CA TRP A 183 -4.38 26.20 -14.05
C TRP A 183 -4.74 26.25 -15.53
N LEU A 184 -5.56 27.24 -15.93
CA LEU A 184 -5.92 27.41 -17.34
C LEU A 184 -4.69 27.48 -18.22
N GLU A 185 -3.66 28.18 -17.76
CA GLU A 185 -2.48 28.36 -18.59
C GLU A 185 -1.68 27.06 -18.69
N LEU A 186 -1.69 26.26 -17.61
CA LEU A 186 -1.07 24.95 -17.62
C LEU A 186 -1.74 24.03 -18.66
N VAL A 187 -3.08 24.00 -18.65
CA VAL A 187 -3.83 23.27 -19.67
C VAL A 187 -3.42 23.70 -21.07
N GLU A 188 -3.38 25.01 -21.29
CA GLU A 188 -3.00 25.55 -22.59
C GLU A 188 -1.60 25.09 -22.96
N ARG A 189 -0.66 25.19 -22.02
CA ARG A 189 0.70 24.72 -22.31
C ARG A 189 0.73 23.23 -22.59
N GLY A 191 -1.58 21.42 -23.96
CA GLY A 191 -2.18 21.20 -25.26
C GLY A 191 -1.35 21.70 -26.43
N SER A 192 -0.19 22.31 -26.16
CA SER A 192 0.63 22.91 -27.20
C SER A 192 2.08 22.49 -27.03
N PRO A 193 2.36 21.18 -27.05
CA PRO A 193 3.76 20.76 -26.99
C PRO A 193 4.60 21.39 -28.10
N GLY A 194 4.00 21.82 -29.21
CA GLY A 194 4.71 22.49 -30.27
C GLY A 194 5.86 21.62 -30.80
N PRO A 195 7.06 22.22 -30.90
CA PRO A 195 8.20 21.47 -31.47
C PRO A 195 8.73 20.37 -30.57
N PHE A 196 8.23 20.23 -29.33
CA PHE A 196 8.63 19.12 -28.49
C PHE A 196 7.77 17.87 -28.69
N LEU A 197 6.72 17.97 -29.50
CA LEU A 197 5.85 16.83 -29.76
C LEU A 197 6.63 15.73 -30.44
N THR A 198 6.65 14.55 -29.85
CA THR A 198 7.38 13.44 -30.43
C THR A 198 6.79 12.12 -29.94
N PHE A 199 7.43 11.04 -30.37
CA PHE A 199 7.12 9.72 -29.86
C PHE A 199 7.54 9.57 -28.41
N THR A 200 6.61 9.19 -27.54
CA THR A 200 6.97 8.90 -26.17
C THR A 200 6.49 7.53 -25.74
N HIS A 201 7.31 6.87 -24.92
CA HIS A 201 6.99 5.56 -24.35
C HIS A 201 5.86 5.64 -23.34
N GLY A 202 5.92 6.60 -22.43
CA GLY A 202 4.76 6.92 -21.61
C GLY A 202 4.64 6.18 -20.31
N ASP A 203 5.46 5.16 -20.04
CA ASP A 203 5.36 4.42 -18.78
C ASP A 203 6.74 3.92 -18.38
N LEU A 204 7.76 4.76 -18.58
CA LEU A 204 9.10 4.38 -18.19
C LEU A 204 9.16 4.06 -16.70
N ALA A 205 9.83 2.95 -16.37
CA ALA A 205 10.00 2.52 -15.00
C ALA A 205 11.27 1.69 -14.89
N PRO A 206 11.85 1.57 -13.68
CA PRO A 206 13.09 0.78 -13.52
C PRO A 206 12.93 -0.67 -13.96
N SER A 207 11.74 -1.24 -13.87
CA SER A 207 11.58 -2.62 -14.31
C SER A 207 11.52 -2.76 -15.83
N ASN A 208 11.27 -1.70 -16.61
CA ASN A 208 11.15 -1.85 -18.06
C ASN A 208 12.22 -1.07 -18.83
N VAL A 209 13.29 -0.68 -18.16
CA VAL A 209 14.50 -0.18 -18.80
C VAL A 209 15.60 -1.21 -18.56
N LEU A 210 16.33 -1.56 -19.62
CA LEU A 210 17.39 -2.55 -19.52
C LEU A 210 18.76 -1.99 -19.88
N LEU A 211 19.76 -2.38 -19.10
CA LEU A 211 21.15 -2.24 -19.48
C LEU A 211 21.56 -3.58 -20.12
N THR A 212 22.02 -3.52 -21.37
CA THR A 212 22.46 -4.68 -22.13
C THR A 212 23.89 -4.47 -22.59
N ASP A 213 24.48 -5.51 -23.15
CA ASP A 213 25.83 -5.40 -23.69
C ASP A 213 25.89 -4.43 -24.87
N ASP A 214 24.78 -4.27 -25.61
CA ASP A 214 24.69 -3.37 -26.75
C ASP A 214 23.96 -2.06 -26.39
N GLY A 215 23.94 -1.70 -25.12
CA GLY A 215 23.38 -0.41 -24.77
C GLY A 215 21.99 -0.50 -24.16
N PRO A 216 21.43 0.65 -23.82
CA PRO A 216 20.09 0.69 -23.22
C PRO A 216 19.01 0.16 -24.15
N ARG A 217 18.00 -0.45 -23.55
CA ARG A 217 16.82 -0.89 -24.26
C ARG A 217 15.60 -0.62 -23.39
N LEU A 218 14.47 -0.44 -24.06
CA LEU A 218 13.18 -0.24 -23.42
C LEU A 218 12.25 -1.38 -23.74
N LEU A 219 11.40 -1.71 -22.78
CA LEU A 219 10.38 -2.75 -22.91
C LEU A 219 9.01 -2.14 -22.65
N ASP A 220 7.98 -2.84 -23.09
CA ASP A 220 6.60 -2.63 -22.66
C ASP A 220 6.06 -1.28 -23.12
N PHE A 221 5.84 -1.17 -24.43
CA PHE A 221 5.39 0.06 -25.06
C PHE A 221 3.88 0.20 -25.11
N GLU A 222 3.14 -0.27 -24.11
CA GLU A 222 1.67 -0.20 -24.14
C GLU A 222 1.15 1.24 -24.17
N TYR A 223 1.83 2.17 -23.49
CA TYR A 223 1.34 3.53 -23.26
C TYR A 223 1.93 4.56 -24.22
N THR A 224 2.50 4.11 -25.32
CA THR A 224 3.10 4.99 -26.31
C THR A 224 2.07 6.01 -26.80
N GLY A 225 2.55 7.20 -27.06
CA GLY A 225 1.71 8.25 -27.61
C GLY A 225 2.59 9.40 -28.02
N ALA A 226 2.02 10.23 -28.88
CA ALA A 226 2.61 11.51 -29.23
C ALA A 226 2.37 12.47 -28.06
N ARG A 227 3.46 12.86 -27.40
CA ARG A 227 3.45 13.76 -26.27
C ARG A 227 4.66 14.68 -26.36
N SER A 228 4.69 15.66 -25.48
CA SER A 228 5.92 16.38 -25.33
C SER A 228 7.03 15.40 -24.93
N ALA A 229 8.19 15.56 -25.57
CA ALA A 229 9.41 14.85 -25.21
C ALA A 229 9.61 14.85 -23.71
N LEU A 230 9.29 15.96 -23.07
CA LEU A 230 9.57 16.13 -21.66
C LEU A 230 8.68 15.27 -20.81
N TYR A 231 7.59 14.76 -21.38
CA TYR A 231 6.74 13.84 -20.63
C TYR A 231 7.54 12.62 -20.14
N ASP A 232 8.37 12.03 -21.00
CA ASP A 232 9.12 10.84 -20.63
C ASP A 232 10.24 11.19 -19.65
N VAL A 233 10.71 12.42 -19.70
CA VAL A 233 11.83 12.83 -18.87
C VAL A 233 11.42 12.88 -17.41
N PHE A 235 10.46 10.56 -15.92
CA PHE A 235 11.03 9.30 -15.41
C PHE A 235 12.07 9.57 -14.34
N TRP A 236 13.13 10.32 -14.65
CA TRP A 236 14.16 10.65 -13.66
C TRP A 236 14.00 12.02 -13.02
N GLU A 237 13.22 12.91 -13.61
CA GLU A 237 13.07 14.24 -13.05
C GLU A 237 12.05 14.30 -11.95
N ALA A 238 11.09 13.39 -11.90
CA ALA A 238 10.02 13.46 -10.92
C ALA A 238 9.60 12.09 -10.39
N VAL A 239 9.61 11.04 -11.22
CA VAL A 239 8.97 9.80 -10.80
C VAL A 239 9.89 8.96 -9.92
N VAL A 240 11.04 8.52 -10.43
CA VAL A 240 11.99 7.76 -9.63
C VAL A 240 12.73 8.75 -8.73
N PRO A 241 12.84 8.48 -7.43
CA PRO A 241 13.34 9.49 -6.49
C PRO A 241 14.87 9.63 -6.50
N PHE A 242 15.40 9.97 -7.67
CA PHE A 242 16.83 10.22 -7.83
C PHE A 242 17.27 11.42 -7.01
N PRO A 243 18.44 11.36 -6.35
CA PRO A 243 19.05 12.57 -5.83
C PRO A 243 19.36 13.53 -6.98
N ARG A 244 19.39 14.83 -6.67
CA ARG A 244 19.54 15.82 -7.72
C ARG A 244 20.92 15.76 -8.35
N SER A 245 21.93 15.28 -7.60
CA SER A 245 23.24 15.02 -8.20
C SER A 245 23.21 13.99 -9.32
N LEU A 246 22.14 13.19 -9.45
CA LEU A 246 21.98 12.32 -10.62
C LEU A 246 20.93 12.78 -11.62
N ALA A 247 19.82 13.37 -11.15
CA ALA A 247 18.83 13.84 -12.10
C ALA A 247 19.41 14.94 -12.99
N ARG A 248 20.13 15.89 -12.43
CA ARG A 248 20.64 16.98 -13.26
C ARG A 248 21.58 16.52 -14.37
N PRO A 249 22.63 15.75 -14.11
CA PRO A 249 23.45 15.25 -15.24
C PRO A 249 22.69 14.34 -16.23
N THR A 251 19.45 14.87 -17.12
CA THR A 251 18.76 15.84 -17.96
C THR A 251 19.74 16.58 -18.86
N GLN A 252 20.95 16.88 -18.35
CA GLN A 252 21.96 17.50 -19.21
C GLN A 252 22.34 16.58 -20.38
N ALA A 253 22.49 15.29 -20.13
CA ALA A 253 22.86 14.39 -21.22
C ALA A 253 21.69 14.19 -22.16
N TYR A 254 20.49 14.10 -21.61
CA TYR A 254 19.31 13.97 -22.43
C TYR A 254 19.20 15.14 -23.40
N ARG A 255 19.41 16.35 -22.90
CA ARG A 255 19.16 17.57 -23.64
C ARG A 255 20.19 17.77 -24.76
N ARG A 256 21.44 17.43 -24.48
CA ARG A 256 22.47 17.42 -25.50
C ARG A 256 22.09 16.50 -26.65
N ALA A 257 21.62 15.28 -26.34
CA ALA A 257 21.22 14.39 -27.43
C ALA A 257 19.98 14.93 -28.14
N LEU A 258 18.99 15.40 -27.38
CA LEU A 258 17.76 15.92 -28.00
C LEU A 258 18.04 17.12 -28.90
N ALA A 259 18.82 18.08 -28.41
CA ALA A 259 19.08 19.32 -29.13
C ALA A 259 19.93 19.11 -30.37
N SER A 260 20.65 17.98 -30.45
CA SER A 260 21.35 17.68 -31.69
C SER A 260 20.35 17.45 -32.83
N HIS A 261 19.12 17.06 -32.51
CA HIS A 261 18.04 16.88 -33.46
C HIS A 261 17.10 18.09 -33.53
N LEU A 262 16.63 18.57 -32.40
CA LEU A 262 15.54 19.54 -32.33
C LEU A 262 16.14 20.87 -31.95
N PRO A 263 16.15 21.84 -32.86
CA PRO A 263 16.69 23.17 -32.51
C PRO A 263 16.02 23.82 -31.28
N ALA A 264 14.73 23.55 -31.03
CA ALA A 264 14.03 24.28 -29.96
C ALA A 264 14.62 23.96 -28.61
N ALA A 265 15.26 22.81 -28.48
CA ALA A 265 15.87 22.40 -27.24
C ALA A 265 17.21 23.10 -26.97
N ARG A 266 17.77 23.82 -27.96
CA ARG A 266 18.94 24.67 -27.72
C ARG A 266 18.63 25.95 -26.97
N ASP A 267 17.37 26.29 -26.81
CA ASP A 267 16.98 27.53 -26.14
C ASP A 267 16.73 27.21 -24.67
N ASP A 268 17.56 27.81 -23.77
CA ASP A 268 17.52 27.46 -22.35
C ASP A 268 16.17 27.78 -21.74
N ALA A 269 15.60 28.93 -22.12
CA ALA A 269 14.33 29.37 -21.55
C ALA A 269 13.17 28.52 -22.07
N ARG A 270 13.19 28.19 -23.33
CA ARG A 270 12.15 27.28 -23.83
C ARG A 270 12.31 25.87 -23.26
N PHE A 271 13.54 25.36 -23.13
CA PHE A 271 13.68 24.01 -22.56
C PHE A 271 13.24 24.00 -21.11
N ARG A 272 13.73 24.98 -20.32
CA ARG A 272 13.35 25.08 -18.91
C ARG A 272 11.84 25.25 -18.76
N ARG A 273 11.20 26.00 -19.66
CA ARG A 273 9.75 26.14 -19.58
C ARG A 273 9.05 24.79 -19.81
N GLU A 274 9.50 24.05 -20.80
CA GLU A 274 8.87 22.76 -21.07
C GLU A 274 9.02 21.82 -19.86
N LEU A 275 10.21 21.82 -19.26
CA LEU A 275 10.48 20.99 -18.09
C LEU A 275 9.54 21.36 -16.97
N LEU A 276 9.38 22.65 -16.72
CA LEU A 276 8.53 23.06 -15.63
C LEU A 276 7.08 22.72 -15.92
N THR A 277 6.65 22.88 -17.17
CA THR A 277 5.26 22.56 -17.51
C THR A 277 4.96 21.10 -17.16
N LEU A 278 5.78 20.18 -17.65
CA LEU A 278 5.50 18.77 -17.43
C LEU A 278 5.69 18.33 -15.98
N LYS A 279 6.66 18.91 -15.26
CA LYS A 279 6.83 18.63 -13.82
C LYS A 279 5.62 19.04 -13.00
N THR A 280 5.07 20.22 -13.32
CA THR A 280 3.88 20.72 -12.65
C THR A 280 2.68 19.82 -12.91
N HIS A 281 2.49 19.41 -14.16
CA HIS A 281 1.42 18.47 -14.46
C HIS A 281 1.63 17.15 -13.71
N ARG A 282 2.86 16.61 -13.75
CA ARG A 282 3.13 15.33 -13.10
C ARG A 282 2.86 15.41 -11.60
N PHE A 283 3.28 16.52 -10.96
CA PHE A 283 3.12 16.67 -9.52
C PHE A 283 1.65 16.68 -9.12
N PHE A 284 0.86 17.55 -9.75
CA PHE A 284 -0.54 17.66 -9.38
C PHE A 284 -1.33 16.43 -9.76
N TRP A 285 -0.99 15.79 -10.87
CA TRP A 285 -1.59 14.52 -11.24
C TRP A 285 -1.33 13.46 -10.16
N TRP A 286 -0.07 13.27 -9.80
CA TRP A 286 0.29 12.19 -8.89
C TRP A 286 -0.14 12.49 -7.46
N LEU A 287 -0.42 13.76 -7.15
CA LEU A 287 -1.01 14.08 -5.85
C LEU A 287 -2.37 13.39 -5.69
N THR A 288 -3.15 13.34 -6.77
CA THR A 288 -4.50 12.80 -6.65
C THR A 288 -4.51 11.30 -6.46
N PHE A 289 -3.39 10.61 -6.74
CA PHE A 289 -3.41 9.15 -6.73
C PHE A 289 -3.66 8.64 -5.32
N ARG A 290 -2.75 8.96 -4.39
CA ARG A 290 -2.84 8.31 -3.08
C ARG A 290 -2.63 9.26 -1.91
N LEU A 291 -2.76 10.58 -2.11
CA LEU A 291 -2.58 11.46 -0.96
C LEU A 291 -3.65 11.20 0.10
N ASP A 292 -4.87 10.83 -0.29
CA ASP A 292 -5.91 10.59 0.71
C ASP A 292 -5.51 9.47 1.65
N GLU A 293 -4.97 8.38 1.10
CA GLU A 293 -4.43 7.28 1.91
C GLU A 293 -3.40 7.79 2.92
N ALA A 294 -2.46 8.63 2.45
CA ALA A 294 -1.47 9.18 3.37
C ALA A 294 -2.10 10.10 4.42
N LEU A 295 -3.15 10.83 4.06
CA LEU A 295 -3.81 11.67 5.06
C LEU A 295 -4.51 10.83 6.12
N ALA A 296 -5.05 9.67 5.74
CA ALA A 296 -5.88 8.90 6.67
C ALA A 296 -5.02 8.23 7.75
N GLY A 297 -3.93 7.58 7.35
CA GLY A 297 -3.14 6.78 8.25
C GLY A 297 -1.67 6.81 7.90
N GLY A 298 -0.88 5.92 8.50
CA GLY A 298 0.55 5.92 8.27
C GLY A 298 1.19 4.56 8.05
N ASP A 299 0.38 3.53 7.81
CA ASP A 299 0.92 2.19 7.63
C ASP A 299 1.01 1.76 6.18
N ALA A 300 0.81 2.68 5.23
CA ALA A 300 0.80 2.36 3.82
C ALA A 300 2.16 2.60 3.18
N HIS A 301 2.36 1.97 2.03
CA HIS A 301 3.59 2.10 1.26
C HIS A 301 3.29 2.54 -0.16
N TRP A 302 4.12 3.46 -0.67
CA TRP A 302 4.13 3.75 -2.09
C TRP A 302 4.60 2.54 -2.89
N VAL A 303 5.66 1.89 -2.43
CA VAL A 303 6.11 0.59 -2.92
C VAL A 303 6.70 -0.09 -1.69
N PRO A 304 6.87 -1.41 -1.70
CA PRO A 304 7.28 -2.10 -0.46
C PRO A 304 8.42 -1.44 0.32
N GLY A 305 9.47 -0.97 -0.32
CA GLY A 305 10.56 -0.38 0.45
C GLY A 305 10.44 1.10 0.78
N TRP A 306 9.25 1.67 0.64
CA TRP A 306 9.11 3.13 0.72
C TRP A 306 7.75 3.51 1.31
N ARG A 307 7.72 3.82 2.60
CA ARG A 307 6.48 4.18 3.27
C ARG A 307 5.85 5.43 2.64
N LEU A 308 4.52 5.48 2.65
CA LEU A 308 3.79 6.39 1.77
C LEU A 308 3.98 7.86 2.16
N ARG A 309 4.16 8.16 3.45
CA ARG A 309 4.24 9.56 3.86
C ARG A 309 5.62 10.11 3.54
N PRO A 310 6.73 9.45 3.92
CA PRO A 310 8.04 9.94 3.48
C PRO A 310 8.12 10.07 1.96
N ALA A 311 7.42 9.19 1.24
CA ALA A 311 7.41 9.24 -0.23
C ALA A 311 6.71 10.51 -0.71
N TYR A 312 5.52 10.79 -0.18
CA TYR A 312 4.80 11.97 -0.66
C TYR A 312 5.48 13.25 -0.18
N LEU A 313 6.11 13.20 0.99
CA LEU A 313 6.91 14.35 1.42
C LEU A 313 8.12 14.52 0.52
N PHE A 314 8.72 13.42 0.06
CA PHE A 314 9.78 13.55 -0.93
C PHE A 314 9.26 14.24 -2.19
N TYR A 315 8.15 13.75 -2.76
CA TYR A 315 7.64 14.30 -4.00
C TYR A 315 7.28 15.77 -3.84
N LEU A 316 6.74 16.14 -2.69
CA LEU A 316 6.40 17.53 -2.40
C LEU A 316 7.62 18.43 -2.38
N GLN A 317 8.62 18.10 -1.54
CA GLN A 317 9.81 18.96 -1.47
C GLN A 317 10.57 18.98 -2.80
N ASN A 318 10.60 17.85 -3.50
CA ASN A 318 11.40 17.79 -4.71
C ASN A 318 10.79 18.66 -5.80
N TYR A 319 9.46 18.72 -5.85
CA TYR A 319 8.77 19.54 -6.82
C TYR A 319 9.00 21.02 -6.50
N VAL A 320 8.69 21.39 -5.25
CA VAL A 320 8.86 22.76 -4.80
C VAL A 320 10.27 23.23 -5.03
N SER A 321 11.26 22.44 -4.63
CA SER A 321 12.65 22.87 -4.77
C SER A 321 13.06 22.98 -6.23
N THR A 322 12.80 21.94 -7.00
CA THR A 322 13.25 21.99 -8.38
C THR A 322 12.42 22.95 -9.19
N ALA A 323 11.13 23.10 -8.85
CA ALA A 323 10.33 24.11 -9.55
C ALA A 323 10.89 25.52 -9.32
N ARG A 324 11.28 25.87 -8.07
CA ARG A 324 11.86 27.19 -7.83
C ARG A 324 13.16 27.37 -8.63
N ARG A 325 14.00 26.33 -8.72
CA ARG A 325 15.24 26.44 -9.47
C ARG A 325 14.98 26.71 -10.94
N LEU A 326 13.81 26.30 -11.43
CA LEU A 326 13.34 26.59 -12.78
C LEU A 326 12.68 27.97 -12.89
N GLY A 327 12.73 28.79 -11.85
CA GLY A 327 12.14 30.12 -11.89
C GLY A 327 10.67 30.19 -11.62
N ALA A 328 10.06 29.09 -11.13
CA ALA A 328 8.63 29.11 -10.81
C ALA A 328 8.30 30.06 -9.67
N ARG A 329 7.18 30.79 -9.81
CA ARG A 329 6.78 31.71 -8.74
C ARG A 329 5.29 32.06 -8.76
N GLY A 330 4.43 31.26 -9.39
CA GLY A 330 3.04 31.63 -9.51
C GLY A 330 2.17 30.90 -8.52
N PRO A 331 0.84 30.96 -8.70
CA PRO A 331 -0.06 30.32 -7.74
C PRO A 331 0.11 28.82 -7.57
N LEU A 332 0.52 28.12 -8.63
CA LEU A 332 0.61 26.66 -8.52
C LEU A 332 1.75 26.25 -7.59
N LEU A 333 2.92 26.90 -7.71
CA LEU A 333 4.00 26.72 -6.74
C LEU A 333 3.56 27.08 -5.33
N LYS A 334 2.94 28.25 -5.16
CA LYS A 334 2.59 28.69 -3.83
C LYS A 334 1.61 27.73 -3.18
N THR A 335 0.69 27.18 -3.96
CA THR A 335 -0.24 26.20 -3.45
C THR A 335 0.48 24.92 -3.05
N ALA A 336 1.48 24.54 -3.83
CA ALA A 336 2.29 23.38 -3.48
C ALA A 336 3.09 23.67 -2.22
N GLN A 337 3.64 24.88 -2.12
CA GLN A 337 4.34 25.27 -0.90
C GLN A 337 3.41 25.19 0.31
N ALA A 338 2.18 25.71 0.18
CA ALA A 338 1.25 25.65 1.31
C ALA A 338 0.91 24.20 1.67
N LEU A 339 0.79 23.33 0.68
CA LEU A 339 0.53 21.93 1.01
C LEU A 339 1.74 21.28 1.67
N SER A 340 2.93 21.57 1.15
CA SER A 340 4.14 20.96 1.73
C SER A 340 4.33 21.39 3.18
N SER A 341 4.05 22.66 3.50
CA SER A 341 4.16 23.15 4.88
C SER A 341 3.13 22.50 5.80
N ARG A 342 1.87 22.46 5.37
CA ARG A 342 0.83 21.79 6.13
C ARG A 342 1.23 20.37 6.50
N LEU A 343 1.75 19.61 5.54
CA LEU A 343 1.96 18.19 5.79
C LEU A 343 3.25 17.95 6.57
N ARG A 344 4.31 18.69 6.24
CA ARG A 344 5.51 18.63 7.08
C ARG A 344 5.18 18.82 8.55
N ARG A 345 4.32 19.79 8.87
CA ARG A 345 3.93 20.05 10.26
C ARG A 345 2.91 19.03 10.76
N GLY A 346 1.85 18.78 9.97
CA GLY A 346 0.77 17.93 10.47
C GLY A 346 1.19 16.47 10.65
N TRP A 347 2.20 16.02 9.92
CA TRP A 347 2.57 14.60 9.88
C TRP A 347 3.69 14.25 10.84
N LYS A 348 4.76 15.02 10.86
CA LYS A 348 5.93 14.78 11.70
C LYS A 348 6.80 13.64 11.16
N GLU A 349 6.42 12.99 10.06
CA GLU A 349 7.34 12.16 9.29
C GLU A 349 8.28 13.08 8.50
N ARG A 350 9.14 12.59 7.65
CA ARG A 350 10.22 13.28 7.02
C ARG A 350 10.29 12.78 5.62
N ALA A 351 10.65 13.63 4.67
CA ALA A 351 10.90 13.14 3.32
C ALA A 351 12.06 12.16 3.36
N GLY A 352 11.90 11.04 2.66
CA GLY A 352 12.98 10.08 2.64
C GLY A 352 13.05 9.33 1.33
N TYR A 353 14.11 8.60 1.19
CA TYR A 353 14.35 7.75 0.03
C TYR A 353 13.88 6.33 0.32
N PRO A 354 13.63 5.53 -0.72
CA PRO A 354 13.26 4.13 -0.49
C PRO A 354 14.43 3.35 0.10
N ASP A 355 14.10 2.27 0.80
CA ASP A 355 15.14 1.31 1.17
C ASP A 355 15.76 0.71 -0.10
N HIS A 356 16.97 0.18 0.05
CA HIS A 356 17.64 -0.55 -1.04
C HIS A 356 17.58 0.20 -2.37
N PHE A 357 17.98 1.47 -2.32
CA PHE A 357 18.00 2.34 -3.48
C PHE A 357 19.28 3.18 -3.40
N LEU A 358 20.28 2.83 -4.17
CA LEU A 358 21.51 3.63 -4.30
C LEU A 358 22.24 3.75 -2.97
N GLY A 359 22.24 2.66 -2.19
CA GLY A 359 22.92 2.66 -0.91
C GLY A 359 22.30 3.63 0.09
N LYS A 360 23.13 4.07 1.05
CA LYS A 360 22.72 5.03 2.07
C LYS A 360 22.83 6.44 1.50
N LEU A 361 21.69 7.07 1.24
CA LEU A 361 21.68 8.38 0.62
C LEU A 361 21.57 9.45 1.70
N LYS A 362 22.25 10.57 1.49
CA LYS A 362 21.98 11.74 2.31
C LYS A 362 20.47 11.95 2.34
N PRO A 363 19.91 12.34 3.48
CA PRO A 363 18.45 12.61 3.52
C PRO A 363 18.13 13.82 2.66
N PRO A 364 17.01 13.76 1.92
CA PRO A 364 16.52 14.79 1.00
C PRO A 364 16.23 16.11 1.70
N VAL B 13 -18.60 4.28 -17.27
CA VAL B 13 -19.93 4.48 -16.65
C VAL B 13 -19.77 5.05 -15.24
N PRO B 14 -20.27 6.27 -15.03
CA PRO B 14 -20.03 6.92 -13.74
C PRO B 14 -20.41 6.02 -12.57
N LEU B 15 -19.56 6.02 -11.55
CA LEU B 15 -19.77 5.11 -10.43
C LEU B 15 -21.12 5.38 -9.75
N GLU B 16 -21.56 6.63 -9.72
CA GLU B 16 -22.90 6.92 -9.21
C GLU B 16 -23.96 6.18 -10.00
N ASP B 17 -23.76 6.01 -11.31
CA ASP B 17 -24.72 5.26 -12.13
C ASP B 17 -24.67 3.78 -11.79
N GLN B 18 -23.47 3.24 -11.60
CA GLN B 18 -23.34 1.84 -11.20
C GLN B 18 -24.02 1.55 -9.88
N ILE B 19 -23.75 2.39 -8.88
CA ILE B 19 -24.36 2.24 -7.56
C ILE B 19 -25.88 2.41 -7.66
N GLY B 20 -26.33 3.40 -8.44
CA GLY B 20 -27.75 3.55 -8.71
C GLY B 20 -28.38 2.29 -9.24
N ALA B 21 -27.78 1.68 -10.26
CA ALA B 21 -28.31 0.44 -10.80
C ALA B 21 -28.31 -0.66 -9.74
N LEU B 22 -27.27 -0.71 -8.92
CA LEU B 22 -27.13 -1.80 -7.95
C LEU B 22 -28.23 -1.72 -6.88
N LEU B 23 -28.57 -0.50 -6.46
CA LEU B 23 -29.55 -0.29 -5.38
C LEU B 23 -30.95 0.04 -5.89
N GLY B 24 -31.10 0.43 -7.15
CA GLY B 24 -32.42 0.80 -7.65
C GLY B 24 -32.86 2.19 -7.22
N GLU B 25 -31.98 2.97 -6.60
CA GLU B 25 -32.17 4.38 -6.33
C GLU B 25 -30.81 5.05 -6.52
N HIS B 26 -30.84 6.28 -6.98
CA HIS B 26 -29.62 6.99 -7.37
C HIS B 26 -29.12 7.84 -6.21
N PRO B 27 -27.86 7.69 -5.81
CA PRO B 27 -27.37 8.52 -4.72
C PRO B 27 -27.24 9.98 -5.15
N ARG B 28 -27.61 10.89 -4.24
CA ARG B 28 -27.44 12.31 -4.46
C ARG B 28 -26.00 12.74 -4.25
N GLN B 29 -25.21 11.98 -3.48
CA GLN B 29 -23.85 12.42 -3.27
C GLN B 29 -22.99 11.25 -2.79
N ILE B 30 -21.78 11.18 -3.34
CA ILE B 30 -20.85 10.11 -3.06
C ILE B 30 -19.61 10.72 -2.44
N VAL B 31 -19.25 10.27 -1.24
CA VAL B 31 -18.15 10.85 -0.48
C VAL B 31 -17.16 9.74 -0.12
N PRO B 32 -15.91 9.81 -0.57
CA PRO B 32 -14.94 8.76 -0.24
C PRO B 32 -14.46 8.87 1.19
N LEU B 33 -14.33 7.72 1.84
CA LEU B 33 -13.73 7.65 3.18
C LEU B 33 -12.27 7.30 3.06
N GLN B 40 -11.52 0.95 -2.25
CA GLN B 40 -12.00 2.28 -1.84
C GLN B 40 -13.40 2.21 -1.20
N VAL B 41 -13.54 2.84 -0.05
CA VAL B 41 -14.78 2.85 0.71
C VAL B 41 -15.51 4.17 0.50
N LEU B 42 -16.80 4.07 0.20
CA LEU B 42 -17.63 5.21 -0.19
C LEU B 42 -18.83 5.29 0.72
N ARG B 43 -19.12 6.49 1.21
CA ARG B 43 -20.40 6.79 1.85
C ARG B 43 -21.31 7.44 0.80
N CYS B 44 -22.43 6.80 0.51
CA CYS B 44 -23.37 7.27 -0.50
C CYS B 44 -24.60 7.82 0.19
N HIS B 45 -24.89 9.09 -0.05
CA HIS B 45 -26.04 9.75 0.55
C HIS B 45 -27.22 9.72 -0.42
N PHE B 46 -28.41 9.45 0.13
CA PHE B 46 -29.68 9.48 -0.57
C PHE B 46 -30.54 10.59 0.04
N GLN B 47 -31.84 10.39 0.24
CA GLN B 47 -32.69 11.47 0.75
C GLN B 47 -33.01 11.27 2.24
N ASP B 48 -33.46 12.34 2.89
CA ASP B 48 -33.97 12.25 4.26
C ASP B 48 -32.95 11.58 5.19
N GLY B 49 -31.66 11.84 4.96
CA GLY B 49 -30.63 11.33 5.85
C GLY B 49 -30.26 9.88 5.64
N HIS B 50 -30.78 9.20 4.63
CA HIS B 50 -30.39 7.81 4.42
C HIS B 50 -29.02 7.77 3.79
N SER B 51 -28.21 6.79 4.20
CA SER B 51 -26.91 6.59 3.59
C SER B 51 -26.55 5.11 3.57
N VAL B 52 -25.62 4.76 2.70
CA VAL B 52 -25.14 3.40 2.50
C VAL B 52 -23.63 3.48 2.36
N ILE B 53 -22.94 2.46 2.83
CA ILE B 53 -21.52 2.30 2.56
C ILE B 53 -21.37 1.42 1.33
N VAL B 54 -20.54 1.86 0.40
CA VAL B 54 -20.26 1.09 -0.81
C VAL B 54 -18.76 0.89 -0.85
N LYS B 55 -18.34 -0.34 -1.07
CA LYS B 55 -16.93 -0.65 -1.28
C LYS B 55 -16.72 -1.03 -2.74
N SER B 56 -15.73 -0.38 -3.37
CA SER B 56 -15.38 -0.57 -4.76
C SER B 56 -13.98 -1.15 -4.87
N GLY B 66 -13.81 -11.88 1.55
CA GLY B 66 -14.73 -12.55 2.44
C GLY B 66 -15.75 -11.70 3.17
N GLU B 67 -15.67 -10.39 3.07
CA GLU B 67 -16.56 -9.61 3.91
C GLU B 67 -18.02 -9.91 3.59
N TRP B 68 -18.36 -10.01 2.29
CA TRP B 68 -19.76 -10.21 1.93
C TRP B 68 -20.31 -11.47 2.60
N ASP B 69 -19.60 -12.59 2.42
CA ASP B 69 -20.06 -13.82 3.05
C ASP B 69 -20.02 -13.73 4.56
N ALA B 70 -19.13 -12.93 5.12
CA ALA B 70 -19.15 -12.74 6.58
C ALA B 70 -20.44 -12.06 7.01
N LEU B 71 -20.79 -10.98 6.33
CA LEU B 71 -22.00 -10.23 6.68
C LEU B 71 -23.26 -11.05 6.46
N ARG B 72 -23.31 -11.88 5.39
CA ARG B 72 -24.48 -12.75 5.20
C ARG B 72 -24.57 -13.75 6.33
N PHE B 73 -23.43 -14.34 6.68
CA PHE B 73 -23.38 -15.32 7.74
C PHE B 73 -23.94 -14.75 9.01
N LEU B 74 -23.66 -13.48 9.29
CA LEU B 74 -24.05 -12.82 10.52
C LEU B 74 -25.41 -12.12 10.47
N ALA B 75 -26.11 -12.13 9.33
CA ALA B 75 -27.34 -11.35 9.21
C ALA B 75 -28.43 -11.76 10.20
N ALA B 76 -28.41 -12.98 10.71
CA ALA B 76 -29.39 -13.39 11.70
C ALA B 76 -28.82 -13.49 13.12
N HIS B 77 -27.53 -13.20 13.33
CA HIS B 77 -27.02 -13.20 14.70
C HIS B 77 -27.71 -12.10 15.51
N VAL B 78 -28.27 -12.48 16.64
CA VAL B 78 -28.88 -11.49 17.53
C VAL B 78 -28.15 -11.52 18.87
N PRO B 79 -28.03 -10.40 19.57
CA PRO B 79 -28.38 -9.03 19.14
C PRO B 79 -27.50 -8.53 17.97
N ALA B 80 -28.03 -7.68 17.08
CA ALA B 80 -27.31 -7.34 15.87
C ALA B 80 -25.94 -6.72 16.19
N ILE B 81 -24.93 -7.11 15.41
CA ILE B 81 -23.57 -6.68 15.73
C ILE B 81 -22.84 -6.19 14.50
N ALA B 82 -23.39 -6.44 13.33
CA ALA B 82 -22.69 -6.16 12.08
C ALA B 82 -23.60 -5.49 11.08
N PRO B 83 -23.05 -4.75 10.12
CA PRO B 83 -23.89 -4.16 9.08
C PRO B 83 -24.58 -5.24 8.27
N ARG B 84 -25.81 -4.94 7.88
CA ARG B 84 -26.52 -5.83 6.95
C ARG B 84 -25.90 -5.70 5.57
N PRO B 85 -25.72 -6.80 4.84
CA PRO B 85 -25.32 -6.70 3.43
C PRO B 85 -26.56 -6.36 2.63
N LEU B 86 -26.41 -5.42 1.70
CA LEU B 86 -27.55 -4.91 0.93
C LEU B 86 -27.59 -5.37 -0.52
N ALA B 87 -26.44 -5.35 -1.19
CA ALA B 87 -26.41 -5.74 -2.60
C ALA B 87 -24.98 -5.87 -3.06
N ARG B 88 -24.79 -6.76 -4.02
CA ARG B 88 -23.48 -6.99 -4.63
C ARG B 88 -23.68 -7.20 -6.12
N SER B 89 -22.92 -6.45 -6.90
CA SER B 89 -23.00 -6.54 -8.34
C SER B 89 -22.67 -7.96 -8.82
N LYS B 90 -22.90 -8.18 -10.11
CA LYS B 90 -22.70 -9.49 -10.71
C LYS B 90 -21.22 -9.89 -10.70
N ASP B 91 -20.33 -8.95 -11.00
CA ASP B 91 -18.89 -9.21 -10.96
C ASP B 91 -18.28 -9.01 -9.57
N ARG B 92 -19.08 -8.69 -8.58
CA ARG B 92 -18.66 -8.60 -7.18
C ARG B 92 -17.64 -7.50 -6.93
N ARG B 93 -17.51 -6.53 -7.83
CA ARG B 93 -16.58 -5.42 -7.59
C ARG B 93 -17.21 -4.24 -6.87
N LEU B 94 -18.53 -4.23 -6.69
CA LEU B 94 -19.25 -3.22 -5.91
C LEU B 94 -20.06 -3.95 -4.85
N VAL B 95 -19.85 -3.57 -3.59
CA VAL B 95 -20.52 -4.16 -2.44
C VAL B 95 -21.20 -3.05 -1.65
N ALA B 96 -22.51 -3.17 -1.45
CA ALA B 96 -23.27 -2.20 -0.66
C ALA B 96 -23.67 -2.82 0.67
N GLU B 98 -25.16 -1.82 4.98
CA GLU B 98 -25.74 -0.91 5.95
C GLU B 98 -24.67 0.02 6.54
N ASP B 99 -25.02 1.31 6.63
CA ASP B 99 -24.11 2.36 7.09
C ASP B 99 -24.37 2.65 8.56
N LEU B 100 -23.81 1.80 9.41
CA LEU B 100 -23.97 1.93 10.84
C LEU B 100 -23.14 3.10 11.32
N ARG B 101 -23.73 3.96 12.12
CA ARG B 101 -23.11 5.19 12.59
C ARG B 101 -23.12 5.20 14.11
N GLY B 102 -22.16 5.91 14.67
CA GLY B 102 -22.04 6.00 16.11
C GLY B 102 -20.75 6.68 16.51
N GLU B 103 -20.28 6.36 17.68
CA GLU B 103 -18.99 6.87 18.15
C GLU B 103 -18.03 5.70 18.06
N THR B 104 -16.89 5.94 17.42
CA THR B 104 -15.84 4.94 17.39
C THR B 104 -15.24 4.79 18.77
N LEU B 105 -14.78 3.58 19.09
CA LEU B 105 -13.96 3.40 20.29
C LEU B 105 -12.75 4.32 20.28
N ALA B 106 -12.18 4.58 19.10
CA ALA B 106 -11.00 5.43 19.03
C ALA B 106 -11.30 6.82 19.58
N ARG B 107 -12.41 7.41 19.15
CA ARG B 107 -12.78 8.72 19.65
C ARG B 107 -13.06 8.68 21.15
N LEU B 108 -13.70 7.60 21.62
CA LEU B 108 -14.05 7.48 23.02
C LEU B 108 -12.82 7.38 23.92
N LEU B 109 -11.87 6.54 23.53
CA LEU B 109 -10.67 6.42 24.35
C LEU B 109 -9.85 7.69 24.36
N GLU B 110 -10.00 8.55 23.35
CA GLU B 110 -9.27 9.80 23.32
C GLU B 110 -9.81 10.78 24.35
N ARG B 111 -11.11 10.80 24.55
CA ARG B 111 -11.75 11.77 25.43
C ARG B 111 -12.10 11.25 26.81
N GLU B 112 -12.15 9.95 27.00
CA GLU B 112 -12.71 9.45 28.24
C GLU B 112 -11.58 9.25 29.25
N SER B 113 -11.99 8.98 30.49
CA SER B 113 -11.11 8.52 31.56
C SER B 113 -11.28 7.01 31.73
N GLU B 114 -10.37 6.41 32.50
CA GLU B 114 -10.52 4.98 32.77
C GLU B 114 -11.88 4.68 33.37
N ALA B 115 -12.27 5.43 34.41
CA ALA B 115 -13.54 5.17 35.07
C ALA B 115 -14.69 5.27 34.09
N GLY B 116 -14.61 6.24 33.17
CA GLY B 116 -15.75 6.50 32.31
C GLY B 116 -15.81 5.58 31.11
N ALA B 117 -14.67 5.06 30.70
CA ALA B 117 -14.62 4.09 29.60
C ALA B 117 -15.01 2.69 30.01
N ARG B 118 -14.98 2.36 31.30
CA ARG B 118 -15.13 0.97 31.69
C ARG B 118 -16.47 0.39 31.27
N ARG B 119 -17.55 1.13 31.43
CA ARG B 119 -18.86 0.55 31.11
C ARG B 119 -19.00 0.23 29.63
N PRO B 120 -18.71 1.14 28.71
CA PRO B 120 -18.78 0.77 27.27
C PRO B 120 -17.84 -0.35 26.87
N LEU B 121 -16.63 -0.35 27.42
CA LEU B 121 -15.66 -1.40 27.12
C LEU B 121 -16.15 -2.77 27.54
N VAL B 122 -16.72 -2.87 28.73
CA VAL B 122 -17.31 -4.12 29.20
C VAL B 122 -18.46 -4.54 28.29
N ARG B 123 -19.25 -3.57 27.84
CA ARG B 123 -20.34 -3.87 26.92
C ARG B 123 -19.81 -4.45 25.62
N ILE B 124 -18.68 -3.91 25.13
CA ILE B 124 -18.07 -4.42 23.91
C ILE B 124 -17.62 -5.86 24.12
N ALA B 125 -16.94 -6.13 25.24
CA ALA B 125 -16.41 -7.45 25.52
C ALA B 125 -17.53 -8.46 25.68
N ASP B 126 -18.63 -8.08 26.36
CA ASP B 126 -19.78 -8.99 26.46
C ASP B 126 -20.35 -9.31 25.08
N ALA B 127 -20.51 -8.29 24.23
CA ALA B 127 -21.04 -8.52 22.88
C ALA B 127 -20.20 -9.52 22.10
N LEU B 128 -18.88 -9.34 22.11
CA LEU B 128 -17.98 -10.25 21.42
C LEU B 128 -18.08 -11.67 21.98
N GLY B 129 -18.27 -11.80 23.29
CA GLY B 129 -18.43 -13.14 23.85
C GLY B 129 -19.68 -13.84 23.35
N HIS B 130 -20.78 -13.08 23.18
CA HIS B 130 -22.00 -13.70 22.64
C HIS B 130 -21.85 -13.99 21.16
N LEU B 131 -21.16 -13.10 20.42
CA LEU B 131 -20.85 -13.41 19.03
C LEU B 131 -20.10 -14.74 18.93
N HIS B 132 -18.95 -14.85 19.60
CA HIS B 132 -18.16 -16.08 19.51
C HIS B 132 -18.93 -17.31 19.99
N GLY B 133 -19.64 -17.20 21.11
CA GLY B 133 -20.35 -18.37 21.59
C GLY B 133 -21.45 -18.82 20.64
N ALA B 134 -22.29 -17.88 20.18
CA ALA B 134 -23.45 -18.26 19.35
C ALA B 134 -23.03 -18.82 18.01
N GLN B 135 -21.91 -18.36 17.47
CA GLN B 135 -21.50 -18.81 16.15
C GLN B 135 -20.65 -20.08 16.17
N ALA B 136 -20.12 -20.49 17.33
CA ALA B 136 -19.20 -21.64 17.35
C ALA B 136 -19.80 -22.89 16.72
N PRO B 137 -21.06 -23.25 16.98
CA PRO B 137 -21.67 -24.42 16.30
C PRO B 137 -22.05 -24.19 14.82
N ARG B 138 -21.92 -22.97 14.28
CA ARG B 138 -22.39 -22.65 12.94
C ARG B 138 -21.27 -22.54 11.92
N VAL B 139 -20.02 -22.74 12.31
CA VAL B 139 -18.90 -22.47 11.41
C VAL B 139 -18.85 -23.38 10.19
N ASP B 140 -19.51 -24.55 10.19
CA ASP B 140 -19.58 -25.32 8.94
C ASP B 140 -20.15 -24.49 7.79
N GLY B 141 -20.99 -23.51 8.09
CA GLY B 141 -21.65 -22.71 7.09
C GLY B 141 -20.83 -21.59 6.51
N LEU B 142 -19.59 -21.43 6.91
CA LEU B 142 -18.70 -20.45 6.31
C LEU B 142 -18.08 -21.00 5.03
N PRO B 143 -17.68 -20.13 4.11
CA PRO B 143 -16.95 -20.61 2.93
C PRO B 143 -15.69 -21.31 3.39
N ARG B 144 -15.22 -22.21 2.53
CA ARG B 144 -14.09 -23.08 2.84
C ARG B 144 -12.85 -22.26 3.19
N ALA B 145 -12.63 -21.15 2.47
CA ALA B 145 -11.42 -20.37 2.73
C ALA B 145 -11.45 -19.80 4.14
N LEU B 146 -12.59 -19.25 4.54
CA LEU B 146 -12.73 -18.76 5.90
C LEU B 146 -12.65 -19.91 6.90
N ARG B 147 -13.28 -21.06 6.60
CA ARG B 147 -13.24 -22.20 7.51
C ARG B 147 -11.81 -22.66 7.80
N ASP B 148 -10.91 -22.50 6.84
CA ASP B 148 -9.57 -23.02 6.99
C ASP B 148 -8.61 -22.01 7.62
N GLU B 149 -9.06 -20.83 7.99
CA GLU B 149 -8.12 -19.77 8.36
C GLU B 149 -7.18 -20.21 9.48
N TYR B 150 -7.70 -20.85 10.54
CA TYR B 150 -6.81 -21.23 11.64
C TYR B 150 -5.69 -22.17 11.19
N ARG B 151 -5.96 -23.00 10.19
CA ARG B 151 -4.97 -23.96 9.72
C ARG B 151 -3.88 -23.26 8.94
N LYS B 152 -4.28 -22.27 8.14
CA LYS B 152 -3.31 -21.48 7.40
C LYS B 152 -2.39 -20.75 8.36
N GLN B 153 -2.96 -20.16 9.43
CA GLN B 153 -2.16 -19.39 10.37
C GLN B 153 -1.27 -20.29 11.19
N ALA B 154 -1.75 -21.48 11.50
CA ALA B 154 -0.94 -22.49 12.17
C ALA B 154 0.26 -22.88 11.33
N ASP B 155 0.05 -23.06 10.02
CA ASP B 155 1.13 -23.40 9.11
C ASP B 155 2.15 -22.26 9.02
N GLU B 156 1.66 -21.01 8.96
CA GLU B 156 2.56 -19.86 8.96
C GLU B 156 3.39 -19.78 10.25
N CYS B 157 2.84 -20.26 11.36
CA CYS B 157 3.54 -20.18 12.63
C CYS B 157 4.78 -21.06 12.64
N VAL B 158 4.89 -22.01 11.70
CA VAL B 158 6.10 -22.83 11.60
C VAL B 158 7.29 -22.00 11.14
N ALA B 159 7.11 -21.19 10.09
CA ALA B 159 8.20 -20.33 9.62
C ALA B 159 8.42 -19.11 10.49
N LEU B 160 7.45 -18.74 11.33
CA LEU B 160 7.65 -17.66 12.27
C LEU B 160 8.82 -17.92 13.23
N ARG B 161 9.09 -19.20 13.55
CA ARG B 161 10.17 -19.49 14.50
C ARG B 161 11.51 -18.99 13.98
N GLY B 162 11.80 -19.24 12.71
CA GLY B 162 13.05 -18.75 12.15
C GLY B 162 13.10 -17.25 12.11
N LYS B 163 11.97 -16.61 11.79
CA LYS B 163 11.92 -15.16 11.81
C LYS B 163 12.24 -14.66 13.21
N VAL B 164 11.64 -15.28 14.22
CA VAL B 164 11.88 -14.90 15.61
C VAL B 164 13.33 -15.15 15.97
N ARG B 165 13.82 -16.37 15.71
CA ARG B 165 15.22 -16.68 16.03
C ARG B 165 16.15 -15.63 15.43
N ALA B 166 15.97 -15.33 14.15
CA ALA B 166 16.88 -14.41 13.48
C ALA B 166 16.80 -13.03 14.11
N LEU B 167 15.58 -12.60 14.46
CA LEU B 167 15.39 -11.29 15.06
C LEU B 167 16.06 -11.21 16.41
N LEU B 168 15.93 -12.28 17.22
CA LEU B 168 16.61 -12.26 18.50
C LEU B 168 18.13 -12.25 18.33
N GLY B 169 18.64 -12.89 17.27
CA GLY B 169 20.06 -12.78 16.98
C GLY B 169 20.48 -11.35 16.71
N ARG B 170 19.69 -10.66 15.91
CA ARG B 170 19.95 -9.25 15.63
C ARG B 170 19.77 -8.39 16.88
N ALA B 171 18.95 -8.85 17.82
CA ALA B 171 18.84 -8.20 19.11
C ALA B 171 19.95 -8.60 20.08
N GLY B 172 20.82 -9.54 19.73
CA GLY B 172 21.81 -9.99 20.66
C GLY B 172 21.26 -10.83 21.78
N VAL B 173 20.21 -11.61 21.53
CA VAL B 173 19.62 -12.49 22.53
C VAL B 173 19.59 -13.93 22.01
N GLU B 174 20.01 -14.88 22.86
CA GLU B 174 19.96 -16.31 22.62
C GLU B 174 18.57 -16.83 22.96
N PRO B 175 17.91 -17.55 22.06
CA PRO B 175 16.74 -18.32 22.52
C PRO B 175 17.21 -19.27 23.61
N THR B 176 16.46 -19.33 24.70
CA THR B 176 16.87 -20.11 25.84
C THR B 176 16.69 -21.60 25.55
N PRO B 177 17.28 -22.47 26.37
CA PRO B 177 17.18 -23.91 26.10
C PRO B 177 15.72 -24.35 26.02
N GLY B 178 15.44 -25.25 25.09
CA GLY B 178 14.11 -25.78 24.94
C GLY B 178 13.20 -24.95 24.08
N PHE B 179 13.70 -23.85 23.49
CA PHE B 179 12.89 -22.93 22.71
C PHE B 179 12.20 -23.63 21.55
N ASP B 180 12.97 -24.35 20.74
CA ASP B 180 12.38 -25.04 19.59
C ASP B 180 11.29 -26.00 20.01
N GLY B 181 11.57 -26.83 21.00
CA GLY B 181 10.54 -27.73 21.49
C GLY B 181 9.32 -27.02 22.01
N ALA B 182 9.52 -25.90 22.73
CA ALA B 182 8.37 -25.12 23.18
C ALA B 182 7.67 -24.48 21.99
N TRP B 183 8.41 -24.07 20.95
CA TRP B 183 7.74 -23.53 19.76
C TRP B 183 6.90 -24.58 19.06
N LEU B 184 7.41 -25.81 18.92
CA LEU B 184 6.63 -26.90 18.31
C LEU B 184 5.29 -27.06 19.01
N GLU B 185 5.27 -26.95 20.32
CA GLU B 185 4.03 -27.15 21.05
C GLU B 185 3.08 -25.98 20.84
N LEU B 186 3.65 -24.77 20.68
CA LEU B 186 2.83 -23.61 20.36
C LEU B 186 2.10 -23.80 19.03
N VAL B 187 2.84 -24.21 17.99
CA VAL B 187 2.25 -24.53 16.68
C VAL B 187 1.11 -25.54 16.81
N GLU B 188 1.36 -26.61 17.57
CA GLU B 188 0.34 -27.64 17.74
C GLU B 188 -0.92 -27.07 18.38
N ARG B 189 -0.75 -26.30 19.47
CA ARG B 189 -1.91 -25.69 20.12
C ARG B 189 -2.62 -24.74 19.18
N GLY B 191 -2.92 -24.93 15.92
CA GLY B 191 -3.66 -25.69 14.94
C GLY B 191 -4.81 -26.51 15.49
N SER B 192 -5.06 -26.46 16.79
CA SER B 192 -6.07 -27.29 17.44
C SER B 192 -6.91 -26.47 18.40
N PRO B 193 -7.58 -25.41 17.92
CA PRO B 193 -8.47 -24.60 18.82
C PRO B 193 -9.57 -25.42 19.47
N GLY B 194 -9.95 -26.54 18.86
CA GLY B 194 -10.94 -27.42 19.45
C GLY B 194 -12.25 -26.70 19.68
N PRO B 195 -12.79 -26.78 20.90
CA PRO B 195 -14.12 -26.20 21.13
C PRO B 195 -14.11 -24.68 21.12
N PHE B 196 -12.95 -24.04 21.02
CA PHE B 196 -12.93 -22.58 20.93
C PHE B 196 -13.01 -22.09 19.49
N LEU B 197 -13.00 -23.02 18.53
CA LEU B 197 -13.10 -22.64 17.13
C LEU B 197 -14.44 -21.96 16.85
N THR B 198 -14.41 -20.74 16.33
CA THR B 198 -15.65 -20.03 16.07
C THR B 198 -15.39 -18.98 14.99
N PHE B 199 -16.44 -18.22 14.70
CA PHE B 199 -16.35 -17.07 13.83
C PHE B 199 -15.57 -15.95 14.51
N THR B 200 -14.54 -15.44 13.86
CA THR B 200 -13.80 -14.31 14.39
C THR B 200 -13.67 -13.22 13.33
N HIS B 201 -13.70 -11.97 13.83
CA HIS B 201 -13.56 -10.78 13.01
C HIS B 201 -12.16 -10.63 12.44
N GLY B 202 -11.16 -10.82 13.29
CA GLY B 202 -9.77 -10.95 12.86
C GLY B 202 -8.97 -9.66 12.78
N ASP B 203 -9.62 -8.48 12.88
CA ASP B 203 -8.91 -7.22 12.72
C ASP B 203 -9.56 -6.14 13.59
N LEU B 204 -10.02 -6.51 14.78
CA LEU B 204 -10.62 -5.56 15.69
C LEU B 204 -9.65 -4.42 15.98
N ALA B 205 -10.15 -3.19 15.90
CA ALA B 205 -9.34 -2.01 16.23
C ALA B 205 -10.26 -0.91 16.72
N PRO B 206 -9.72 0.08 17.44
CA PRO B 206 -10.58 1.15 18.00
C PRO B 206 -11.36 1.88 16.92
N SER B 207 -10.83 1.93 15.71
CA SER B 207 -11.52 2.63 14.63
C SER B 207 -12.66 1.80 14.01
N ASN B 208 -12.73 0.48 14.22
CA ASN B 208 -13.82 -0.28 13.61
C ASN B 208 -14.74 -0.93 14.64
N VAL B 209 -14.68 -0.46 15.89
CA VAL B 209 -15.66 -0.76 16.91
C VAL B 209 -16.44 0.51 17.18
N LEU B 210 -17.75 0.41 17.18
CA LEU B 210 -18.60 1.57 17.40
C LEU B 210 -19.46 1.36 18.62
N LEU B 211 -19.63 2.44 19.38
CA LEU B 211 -20.65 2.58 20.40
C LEU B 211 -21.84 3.31 19.78
N THR B 212 -23.00 2.67 19.78
CA THR B 212 -24.21 3.21 19.24
C THR B 212 -25.27 3.22 20.33
N ASP B 213 -26.39 3.83 20.01
CA ASP B 213 -27.53 3.85 20.94
C ASP B 213 -28.16 2.48 21.13
N ASP B 214 -28.07 1.59 20.13
CA ASP B 214 -28.58 0.23 20.28
C ASP B 214 -27.47 -0.76 20.53
N GLY B 215 -26.37 -0.30 21.13
CA GLY B 215 -25.31 -1.19 21.55
C GLY B 215 -24.06 -1.19 20.68
N PRO B 216 -23.06 -1.99 21.07
CA PRO B 216 -21.85 -2.10 20.26
C PRO B 216 -22.14 -2.61 18.87
N ARG B 217 -21.34 -2.17 17.93
CA ARG B 217 -21.41 -2.64 16.55
C ARG B 217 -19.98 -2.77 16.05
N LEU B 218 -19.78 -3.67 15.09
CA LEU B 218 -18.47 -3.84 14.48
C LEU B 218 -18.52 -3.57 12.98
N LEU B 219 -17.41 -3.07 12.45
CA LEU B 219 -17.23 -2.74 11.05
C LEU B 219 -16.04 -3.50 10.46
N ASP B 220 -16.04 -3.59 9.13
CA ASP B 220 -14.85 -3.96 8.37
C ASP B 220 -14.42 -5.40 8.64
N PHE B 221 -15.22 -6.31 8.13
CA PHE B 221 -15.02 -7.76 8.25
C PHE B 221 -14.17 -8.34 7.15
N GLU B 222 -13.14 -7.64 6.68
CA GLU B 222 -12.32 -8.22 5.62
C GLU B 222 -11.60 -9.50 6.07
N TYR B 223 -11.18 -9.56 7.33
CA TYR B 223 -10.28 -10.61 7.82
C TYR B 223 -10.99 -11.72 8.58
N THR B 224 -12.29 -11.83 8.39
CA THR B 224 -13.08 -12.86 9.04
C THR B 224 -12.48 -14.23 8.80
N GLY B 225 -12.58 -15.08 9.78
CA GLY B 225 -12.11 -16.44 9.67
C GLY B 225 -12.54 -17.26 10.85
N ALA B 226 -12.56 -18.56 10.63
CA ALA B 226 -12.72 -19.51 11.73
C ALA B 226 -11.39 -19.60 12.48
N ARG B 227 -11.37 -19.14 13.73
CA ARG B 227 -10.20 -19.18 14.57
C ARG B 227 -10.62 -19.48 16.00
N SER B 228 -9.65 -19.66 16.87
CA SER B 228 -10.01 -19.67 18.27
C SER B 228 -10.67 -18.34 18.66
N ALA B 229 -11.75 -18.44 19.44
CA ALA B 229 -12.39 -17.24 19.98
C ALA B 229 -11.35 -16.28 20.54
N LEU B 230 -10.32 -16.82 21.21
CA LEU B 230 -9.38 -15.98 21.95
C LEU B 230 -8.51 -15.16 21.03
N TYR B 231 -8.48 -15.49 19.73
CA TYR B 231 -7.77 -14.65 18.76
C TYR B 231 -8.30 -13.21 18.78
N ASP B 232 -9.61 -13.05 18.79
CA ASP B 232 -10.19 -11.72 18.76
C ASP B 232 -10.00 -11.01 20.09
N VAL B 233 -9.88 -11.78 21.18
CA VAL B 233 -9.76 -11.21 22.52
C VAL B 233 -8.42 -10.49 22.67
N PHE B 235 -7.49 -8.31 21.01
CA PHE B 235 -7.86 -6.91 20.85
C PHE B 235 -7.56 -6.10 22.11
N TRP B 236 -8.17 -6.46 23.24
CA TRP B 236 -7.87 -5.75 24.50
C TRP B 236 -6.86 -6.45 25.41
N GLU B 237 -6.56 -7.72 25.18
CA GLU B 237 -5.60 -8.39 26.04
C GLU B 237 -4.17 -8.11 25.64
N ALA B 238 -3.92 -7.74 24.39
CA ALA B 238 -2.55 -7.56 23.93
C ALA B 238 -2.41 -6.41 22.96
N VAL B 239 -3.39 -6.13 22.10
CA VAL B 239 -3.16 -5.19 21.00
C VAL B 239 -3.33 -3.75 21.46
N VAL B 240 -4.52 -3.36 21.91
CA VAL B 240 -4.72 -2.01 22.40
C VAL B 240 -4.14 -1.93 23.80
N PRO B 241 -3.28 -0.96 24.11
CA PRO B 241 -2.51 -1.02 25.38
C PRO B 241 -3.33 -0.59 26.59
N PHE B 242 -4.43 -1.31 26.85
CA PHE B 242 -5.25 -1.04 28.02
C PHE B 242 -4.46 -1.28 29.30
N PRO B 243 -4.64 -0.45 30.34
CA PRO B 243 -4.16 -0.84 31.66
C PRO B 243 -4.90 -2.10 32.10
N ARG B 244 -4.22 -2.90 32.95
CA ARG B 244 -4.78 -4.18 33.38
C ARG B 244 -6.04 -4.01 34.22
N SER B 245 -6.20 -2.84 34.87
CA SER B 245 -7.46 -2.57 35.56
C SER B 245 -8.64 -2.56 34.61
N LEU B 246 -8.40 -2.42 33.29
CA LEU B 246 -9.47 -2.52 32.29
C LEU B 246 -9.45 -3.80 31.43
N ALA B 247 -8.27 -4.35 31.14
CA ALA B 247 -8.23 -5.59 30.40
C ALA B 247 -8.88 -6.72 31.19
N ARG B 248 -8.58 -6.81 32.47
CA ARG B 248 -9.11 -7.89 33.30
C ARG B 248 -10.62 -7.90 33.37
N PRO B 249 -11.31 -6.83 33.73
CA PRO B 249 -12.78 -6.88 33.72
C PRO B 249 -13.38 -7.05 32.32
N THR B 251 -12.06 -9.11 29.98
CA THR B 251 -11.97 -10.55 29.77
C THR B 251 -12.96 -11.29 30.66
N GLN B 252 -13.18 -10.80 31.86
CA GLN B 252 -14.13 -11.43 32.75
C GLN B 252 -15.55 -11.33 32.17
N ALA B 253 -15.91 -10.17 31.63
CA ALA B 253 -17.25 -10.06 31.04
C ALA B 253 -17.33 -10.85 29.73
N TYR B 254 -16.26 -10.82 28.94
CA TYR B 254 -16.23 -11.63 27.72
C TYR B 254 -16.45 -13.10 28.05
N ARG B 255 -15.79 -13.59 29.09
CA ARG B 255 -15.82 -15.02 29.37
C ARG B 255 -17.17 -15.47 29.92
N ARG B 256 -17.77 -14.64 30.77
CA ARG B 256 -19.14 -14.91 31.24
C ARG B 256 -20.11 -15.02 30.08
N ALA B 257 -20.02 -14.11 29.09
CA ALA B 257 -20.91 -14.24 27.95
C ALA B 257 -20.56 -15.47 27.12
N LEU B 258 -19.27 -15.68 26.85
CA LEU B 258 -18.85 -16.85 26.06
C LEU B 258 -19.24 -18.16 26.75
N ALA B 259 -18.96 -18.27 28.04
CA ALA B 259 -19.23 -19.52 28.76
C ALA B 259 -20.71 -19.83 28.89
N SER B 260 -21.60 -18.84 28.70
CA SER B 260 -23.03 -19.17 28.65
C SER B 260 -23.39 -20.00 27.41
N HIS B 261 -22.59 -19.93 26.35
CA HIS B 261 -22.74 -20.75 25.15
C HIS B 261 -21.86 -21.98 25.15
N LEU B 262 -20.59 -21.82 25.48
CA LEU B 262 -19.53 -22.80 25.26
C LEU B 262 -19.11 -23.41 26.57
N PRO B 263 -19.41 -24.68 26.82
CA PRO B 263 -18.99 -25.26 28.09
C PRO B 263 -17.50 -25.21 28.34
N ALA B 264 -16.65 -25.25 27.31
CA ALA B 264 -15.22 -25.34 27.57
C ALA B 264 -14.70 -24.09 28.23
N ALA B 265 -15.38 -22.98 28.02
CA ALA B 265 -14.91 -21.74 28.63
C ALA B 265 -15.25 -21.65 30.10
N ARG B 266 -16.13 -22.53 30.62
CA ARG B 266 -16.33 -22.59 32.08
C ARG B 266 -15.19 -23.23 32.85
N ASP B 267 -14.23 -23.84 32.18
CA ASP B 267 -13.13 -24.51 32.85
C ASP B 267 -11.96 -23.55 32.92
N ASP B 268 -11.59 -23.19 34.15
CA ASP B 268 -10.62 -22.13 34.40
C ASP B 268 -9.29 -22.44 33.74
N ALA B 269 -8.81 -23.68 33.84
CA ALA B 269 -7.49 -24.02 33.34
C ALA B 269 -7.46 -24.08 31.82
N ARG B 270 -8.50 -24.62 31.20
CA ARG B 270 -8.56 -24.61 29.75
C ARG B 270 -8.75 -23.18 29.22
N PHE B 271 -9.59 -22.35 29.83
CA PHE B 271 -9.70 -20.97 29.32
C PHE B 271 -8.37 -20.23 29.45
N ARG B 272 -7.74 -20.32 30.63
CA ARG B 272 -6.44 -19.66 30.82
C ARG B 272 -5.40 -20.19 29.83
N ARG B 273 -5.46 -21.48 29.53
CA ARG B 273 -4.49 -22.04 28.59
C ARG B 273 -4.68 -21.45 27.21
N GLU B 274 -5.93 -21.34 26.79
CA GLU B 274 -6.23 -20.76 25.48
C GLU B 274 -5.77 -19.31 25.41
N LEU B 275 -6.03 -18.56 26.48
CA LEU B 275 -5.58 -17.17 26.51
C LEU B 275 -4.07 -17.08 26.38
N LEU B 276 -3.36 -17.96 27.09
CA LEU B 276 -1.91 -17.92 27.07
C LEU B 276 -1.38 -18.27 25.70
N THR B 277 -1.97 -19.28 25.05
CA THR B 277 -1.53 -19.64 23.70
C THR B 277 -1.63 -18.46 22.76
N LEU B 278 -2.79 -17.84 22.68
CA LEU B 278 -2.96 -16.78 21.69
C LEU B 278 -2.14 -15.54 22.03
N LYS B 279 -1.96 -15.24 23.31
CA LYS B 279 -1.08 -14.15 23.73
C LYS B 279 0.35 -14.40 23.33
N THR B 280 0.82 -15.64 23.52
CA THR B 280 2.16 -16.01 23.12
C THR B 280 2.34 -15.89 21.62
N HIS B 281 1.36 -16.39 20.88
CA HIS B 281 1.44 -16.23 19.44
C HIS B 281 1.46 -14.75 19.08
N ARG B 282 0.58 -13.97 19.70
CA ARG B 282 0.45 -12.57 19.30
C ARG B 282 1.76 -11.82 19.54
N PHE B 283 2.41 -12.08 20.68
CA PHE B 283 3.63 -11.38 21.04
C PHE B 283 4.77 -11.67 20.07
N PHE B 284 5.05 -12.95 19.81
CA PHE B 284 6.17 -13.29 18.94
C PHE B 284 5.89 -12.88 17.50
N TRP B 285 4.65 -13.00 17.09
CA TRP B 285 4.25 -12.49 15.78
C TRP B 285 4.52 -10.99 15.66
N TRP B 286 4.01 -10.20 16.61
CA TRP B 286 4.10 -8.76 16.50
C TRP B 286 5.51 -8.25 16.77
N LEU B 287 6.35 -9.07 17.40
CA LEU B 287 7.76 -8.70 17.53
C LEU B 287 8.40 -8.56 16.16
N THR B 288 8.00 -9.39 15.20
CA THR B 288 8.69 -9.37 13.93
C THR B 288 8.35 -8.16 13.10
N PHE B 289 7.27 -7.43 13.42
CA PHE B 289 6.85 -6.36 12.53
C PHE B 289 7.92 -5.27 12.44
N ARG B 290 8.23 -4.63 13.57
CA ARG B 290 9.07 -3.44 13.55
C ARG B 290 10.17 -3.41 14.62
N LEU B 291 10.53 -4.53 15.22
CA LEU B 291 11.60 -4.49 16.21
C LEU B 291 12.92 -4.06 15.59
N ASP B 292 13.18 -4.43 14.33
CA ASP B 292 14.44 -4.03 13.71
C ASP B 292 14.56 -2.51 13.65
N GLU B 293 13.48 -1.84 13.26
CA GLU B 293 13.43 -0.37 13.26
C GLU B 293 13.72 0.21 14.64
N ALA B 294 13.09 -0.34 15.68
CA ALA B 294 13.32 0.17 17.02
C ALA B 294 14.76 -0.06 17.47
N LEU B 295 15.37 -1.17 17.05
CA LEU B 295 16.77 -1.36 17.39
C LEU B 295 17.66 -0.35 16.69
N ALA B 296 17.29 0.08 15.47
CA ALA B 296 18.17 0.94 14.70
C ALA B 296 18.19 2.36 15.24
N GLY B 297 17.02 2.92 15.53
CA GLY B 297 16.95 4.31 15.92
C GLY B 297 15.83 4.57 16.91
N GLY B 298 15.53 5.84 17.17
CA GLY B 298 14.52 6.16 18.17
C GLY B 298 13.55 7.27 17.80
N ASP B 299 13.49 7.63 16.52
CA ASP B 299 12.59 8.69 16.07
C ASP B 299 11.32 8.14 15.44
N ALA B 300 11.07 6.84 15.54
CA ALA B 300 9.92 6.22 14.91
C ALA B 300 8.75 6.16 15.89
N HIS B 301 7.56 5.96 15.33
CA HIS B 301 6.34 5.81 16.09
C HIS B 301 5.65 4.50 15.72
N TRP B 302 5.15 3.81 16.73
CA TRP B 302 4.26 2.68 16.45
C TRP B 302 3.00 3.18 15.77
N VAL B 303 2.41 4.24 16.30
CA VAL B 303 1.34 5.01 15.66
C VAL B 303 1.55 6.45 16.11
N PRO B 304 1.00 7.45 15.41
CA PRO B 304 1.14 8.83 15.88
C PRO B 304 0.76 8.92 17.35
N GLY B 305 1.54 9.67 18.12
CA GLY B 305 1.32 9.75 19.55
C GLY B 305 1.85 8.58 20.35
N TRP B 306 2.64 7.68 19.76
CA TRP B 306 3.15 6.52 20.50
C TRP B 306 4.50 6.16 19.90
N ARG B 307 5.57 6.66 20.51
CA ARG B 307 6.92 6.40 20.02
C ARG B 307 7.19 4.90 20.06
N LEU B 308 8.03 4.44 19.14
CA LEU B 308 8.13 3.00 18.86
C LEU B 308 8.80 2.24 20.00
N ARG B 309 9.76 2.85 20.69
CA ARG B 309 10.47 2.12 21.73
C ARG B 309 9.59 1.99 22.96
N PRO B 310 8.99 3.07 23.46
CA PRO B 310 8.04 2.89 24.57
C PRO B 310 6.95 1.89 24.25
N ALA B 311 6.54 1.82 22.99
CA ALA B 311 5.50 0.87 22.60
C ALA B 311 6.00 -0.56 22.73
N TYR B 312 7.16 -0.86 22.13
CA TYR B 312 7.62 -2.23 22.17
C TYR B 312 8.02 -2.63 23.59
N LEU B 313 8.51 -1.68 24.38
CA LEU B 313 8.75 -1.97 25.80
C LEU B 313 7.44 -2.23 26.54
N PHE B 314 6.37 -1.51 26.20
CA PHE B 314 5.07 -1.84 26.79
C PHE B 314 4.63 -3.26 26.39
N TYR B 315 4.67 -3.56 25.11
CA TYR B 315 4.22 -4.88 24.67
C TYR B 315 5.03 -5.98 25.34
N LEU B 316 6.34 -5.74 25.48
CA LEU B 316 7.23 -6.71 26.11
C LEU B 316 6.90 -6.93 27.57
N GLN B 317 6.88 -5.85 28.36
CA GLN B 317 6.53 -6.00 29.78
C GLN B 317 5.10 -6.50 29.95
N ASN B 318 4.18 -6.12 29.08
CA ASN B 318 2.81 -6.57 29.29
C ASN B 318 2.68 -8.07 29.02
N TYR B 319 3.41 -8.58 28.03
CA TYR B 319 3.35 -10.00 27.77
C TYR B 319 3.95 -10.81 28.91
N VAL B 320 5.16 -10.45 29.32
CA VAL B 320 5.85 -11.14 30.39
C VAL B 320 5.02 -11.16 31.66
N SER B 321 4.48 -10.02 32.05
CA SER B 321 3.73 -9.91 33.28
C SER B 321 2.44 -10.73 33.20
N THR B 322 1.67 -10.54 32.16
CA THR B 322 0.39 -11.25 32.11
C THR B 322 0.58 -12.72 31.81
N ALA B 323 1.60 -13.07 31.02
CA ALA B 323 1.89 -14.48 30.81
C ALA B 323 2.20 -15.19 32.12
N ARG B 324 2.99 -14.54 32.97
CA ARG B 324 3.31 -15.12 34.27
C ARG B 324 2.08 -15.29 35.15
N ARG B 325 1.17 -14.30 35.13
CA ARG B 325 -0.05 -14.46 35.90
C ARG B 325 -0.89 -15.63 35.39
N LEU B 326 -0.73 -15.99 34.12
CA LEU B 326 -1.40 -17.15 33.54
C LEU B 326 -0.65 -18.44 33.82
N GLY B 327 0.39 -18.39 34.65
CA GLY B 327 1.16 -19.55 35.00
C GLY B 327 2.28 -19.91 34.05
N ALA B 328 2.60 -19.06 33.07
CA ALA B 328 3.67 -19.43 32.13
C ALA B 328 5.02 -19.58 32.83
N ARG B 329 5.79 -20.60 32.43
CA ARG B 329 7.11 -20.77 33.04
C ARG B 329 8.09 -21.50 32.13
N GLY B 330 7.85 -21.55 30.82
CA GLY B 330 8.71 -22.33 29.95
C GLY B 330 9.67 -21.48 29.13
N PRO B 331 10.33 -22.12 28.15
CA PRO B 331 11.35 -21.40 27.35
C PRO B 331 10.84 -20.15 26.61
N LEU B 332 9.60 -20.10 26.21
CA LEU B 332 9.15 -18.93 25.44
C LEU B 332 9.02 -17.70 26.33
N LEU B 333 8.46 -17.87 27.55
CA LEU B 333 8.51 -16.80 28.54
C LEU B 333 9.95 -16.41 28.85
N LYS B 334 10.80 -17.39 29.14
CA LYS B 334 12.16 -17.04 29.54
C LYS B 334 12.87 -16.29 28.42
N THR B 335 12.58 -16.65 27.17
CA THR B 335 13.19 -15.96 26.04
C THR B 335 12.65 -14.52 25.95
N ALA B 336 11.36 -14.35 26.23
CA ALA B 336 10.81 -13.00 26.24
C ALA B 336 11.43 -12.17 27.36
N GLN B 337 11.64 -12.77 28.53
CA GLN B 337 12.29 -12.08 29.64
C GLN B 337 13.72 -11.67 29.27
N ALA B 338 14.47 -12.57 28.63
CA ALA B 338 15.83 -12.21 28.25
C ALA B 338 15.83 -11.05 27.25
N LEU B 339 14.84 -10.98 26.37
CA LEU B 339 14.75 -9.84 25.48
C LEU B 339 14.33 -8.57 26.23
N SER B 340 13.36 -8.69 27.15
CA SER B 340 12.88 -7.51 27.87
C SER B 340 14.00 -6.89 28.68
N SER B 341 14.81 -7.71 29.35
CA SER B 341 15.93 -7.19 30.13
C SER B 341 16.97 -6.56 29.22
N ARG B 342 17.37 -7.27 28.15
CA ARG B 342 18.29 -6.68 27.18
C ARG B 342 17.83 -5.31 26.71
N LEU B 343 16.55 -5.16 26.39
CA LEU B 343 16.12 -3.93 25.75
C LEU B 343 15.86 -2.82 26.74
N ARG B 344 15.17 -3.13 27.84
CA ARG B 344 14.98 -2.14 28.90
C ARG B 344 16.30 -1.48 29.28
N ARG B 345 17.36 -2.27 29.39
CA ARG B 345 18.67 -1.72 29.75
C ARG B 345 19.36 -1.04 28.57
N GLY B 346 19.40 -1.70 27.42
CA GLY B 346 20.13 -1.18 26.27
C GLY B 346 19.56 0.10 25.69
N TRP B 347 18.28 0.37 25.93
CA TRP B 347 17.60 1.46 25.24
C TRP B 347 17.59 2.76 26.04
N LYS B 348 17.29 2.72 27.32
CA LYS B 348 17.16 3.87 28.19
C LYS B 348 15.81 4.56 27.99
N GLU B 349 15.05 4.20 26.97
CA GLU B 349 13.64 4.55 26.95
C GLU B 349 12.92 3.64 27.93
N ARG B 350 11.63 3.87 28.13
CA ARG B 350 10.86 3.07 29.09
C ARG B 350 9.47 2.83 28.54
N ALA B 351 8.84 1.77 29.02
CA ALA B 351 7.51 1.42 28.57
C ALA B 351 6.53 2.53 28.92
N GLY B 352 5.71 2.93 27.95
CA GLY B 352 4.74 3.97 28.16
C GLY B 352 3.49 3.71 27.36
N TYR B 353 2.48 4.51 27.63
CA TYR B 353 1.20 4.52 26.97
C TYR B 353 1.18 5.57 25.86
N PRO B 354 0.30 5.44 24.87
CA PRO B 354 0.21 6.48 23.84
C PRO B 354 -0.27 7.79 24.42
N ASP B 355 0.09 8.88 23.76
CA ASP B 355 -0.53 10.16 24.07
C ASP B 355 -2.06 10.05 23.87
N HIS B 356 -2.79 10.96 24.48
CA HIS B 356 -4.24 11.09 24.25
C HIS B 356 -4.93 9.74 24.33
N PHE B 357 -4.65 9.00 25.40
CA PHE B 357 -5.21 7.68 25.59
C PHE B 357 -5.63 7.55 27.05
N LEU B 358 -6.93 7.73 27.29
CA LEU B 358 -7.56 7.49 28.60
C LEU B 358 -6.94 8.38 29.68
N GLY B 359 -6.75 9.65 29.36
CA GLY B 359 -6.25 10.62 30.30
C GLY B 359 -4.79 10.38 30.65
N LYS B 360 -4.40 10.87 31.82
CA LYS B 360 -3.06 10.66 32.35
C LYS B 360 -3.07 9.36 33.15
N LEU B 361 -2.44 8.32 32.63
CA LEU B 361 -2.39 7.03 33.30
C LEU B 361 -1.03 6.84 33.99
N LYS B 362 -1.06 6.14 35.14
CA LYS B 362 0.19 5.72 35.75
C LYS B 362 1.05 5.00 34.72
N PRO B 363 2.37 5.21 34.71
CA PRO B 363 3.22 4.47 33.79
C PRO B 363 3.18 3.00 34.15
N PRO B 364 3.13 2.11 33.15
CA PRO B 364 2.97 0.68 33.34
C PRO B 364 4.01 0.07 34.26
#